data_5V0K
# 
_entry.id   5V0K 
# 
_audit_conform.dict_name       mmcif_pdbx.dic 
_audit_conform.dict_version    5.379 
_audit_conform.dict_location   http://mmcif.pdb.org/dictionaries/ascii/mmcif_pdbx.dic 
# 
loop_
_database_2.database_id 
_database_2.database_code 
_database_2.pdbx_database_accession 
_database_2.pdbx_DOI 
PDB   5V0K         pdb_00005v0k 10.2210/pdb5v0k/pdb 
WWPDB D_1000226715 ?            ?                   
# 
loop_
_pdbx_database_related.content_type 
_pdbx_database_related.db_id 
_pdbx_database_related.db_name 
_pdbx_database_related.details 
unspecified 5UZ6 PDB . 
unspecified 5V0H PDB . 
unspecified 5V0J PDB . 
# 
_pdbx_database_status.status_code                     REL 
_pdbx_database_status.status_code_sf                  REL 
_pdbx_database_status.status_code_mr                  ? 
_pdbx_database_status.entry_id                        5V0K 
_pdbx_database_status.recvd_initial_deposition_date   2017-02-28 
_pdbx_database_status.SG_entry                        N 
_pdbx_database_status.deposit_site                    RCSB 
_pdbx_database_status.process_site                    RCSB 
_pdbx_database_status.status_code_cs                  ? 
_pdbx_database_status.methods_development_category    ? 
_pdbx_database_status.pdb_format_compatible           Y 
_pdbx_database_status.status_code_nmr_data            ? 
# 
loop_
_audit_author.name 
_audit_author.pdbx_ordinal 
_audit_author.identifier_ORCID 
'Zhang, W.'     1 ? 
'Tam, C.P.'     2 ? 
'Szostak, J.W.' 3 ? 
# 
_citation.abstract                  ? 
_citation.abstract_id_CAS           ? 
_citation.book_id_ISBN              ? 
_citation.book_publisher            ? 
_citation.book_publisher_city       ? 
_citation.book_title                ? 
_citation.coordinate_linkage        ? 
_citation.country                   ? 
_citation.database_id_Medline       ? 
_citation.details                   ? 
_citation.id                        primary 
_citation.journal_abbrev            'To Be Published' 
_citation.journal_id_ASTM           ? 
_citation.journal_id_CSD            0353 
_citation.journal_id_ISSN           ? 
_citation.journal_full              ? 
_citation.journal_issue             ? 
_citation.journal_volume            ? 
_citation.language                  ? 
_citation.page_first                ? 
_citation.page_last                 ? 
_citation.title                     'RNA duplex with 2-MeImpG analogue bound-3 binding sites' 
_citation.year                      ? 
_citation.database_id_CSD           ? 
_citation.pdbx_database_id_DOI      ? 
_citation.pdbx_database_id_PubMed   ? 
_citation.unpublished_flag          ? 
# 
loop_
_citation_author.citation_id 
_citation_author.name 
_citation_author.ordinal 
_citation_author.identifier_ORCID 
primary 'Zhang, W.'     1 ? 
primary 'Tam, C.P.'     2 ? 
primary 'Szostak, J.W.' 3 ? 
# 
_cell.angle_alpha                  90.00 
_cell.angle_alpha_esd              ? 
_cell.angle_beta                   90.00 
_cell.angle_beta_esd               ? 
_cell.angle_gamma                  120.00 
_cell.angle_gamma_esd              ? 
_cell.entry_id                     5V0K 
_cell.details                      ? 
_cell.formula_units_Z              ? 
_cell.length_a                     42.229 
_cell.length_a_esd                 ? 
_cell.length_b                     42.229 
_cell.length_b_esd                 ? 
_cell.length_c                     40.098 
_cell.length_c_esd                 ? 
_cell.volume                       ? 
_cell.volume_esd                   ? 
_cell.Z_PDB                        6 
_cell.reciprocal_angle_alpha       ? 
_cell.reciprocal_angle_beta        ? 
_cell.reciprocal_angle_gamma       ? 
_cell.reciprocal_angle_alpha_esd   ? 
_cell.reciprocal_angle_beta_esd    ? 
_cell.reciprocal_angle_gamma_esd   ? 
_cell.reciprocal_length_a          ? 
_cell.reciprocal_length_b          ? 
_cell.reciprocal_length_c          ? 
_cell.reciprocal_length_a_esd      ? 
_cell.reciprocal_length_b_esd      ? 
_cell.reciprocal_length_c_esd      ? 
_cell.pdbx_unique_axis             ? 
# 
_symmetry.entry_id                         5V0K 
_symmetry.cell_setting                     ? 
_symmetry.Int_Tables_number                150 
_symmetry.space_group_name_Hall            ? 
_symmetry.space_group_name_H-M             'P 3 2 1' 
_symmetry.pdbx_full_space_group_name_H-M   ? 
# 
loop_
_entity.id 
_entity.type 
_entity.src_method 
_entity.pdbx_description 
_entity.formula_weight 
_entity.pdbx_number_of_molecules 
_entity.pdbx_ec 
_entity.pdbx_mutation 
_entity.pdbx_fragment 
_entity.details 
1 polymer     syn 
;RNA (5'-R(*(LCC)P*(LCC)P*(LCC)P*(LCG)P*AP*CP*UP*UP*AP*AP*GP*UP*C)-3')
;
4167.598 1  ? ? ? ? 
2 non-polymer syn "5'-O-[(S)-hydroxy(4-methyl-1H-imidazol-5-yl)phosphoryl]guanosine"      427.309  2  ? ? ? ? 
3 non-polymer syn 'MAGNESIUM ION'                                                         24.305   1  ? ? ? ? 
4 water       nat water                                                                   18.015   31 ? ? ? ? 
# 
_entity_poly.entity_id                      1 
_entity_poly.type                           polyribonucleotide 
_entity_poly.nstd_linkage                   no 
_entity_poly.nstd_monomer                   yes 
_entity_poly.pdbx_seq_one_letter_code       '(LCC)(LCC)(LCC)(LCG)ACUUAAGUC' 
_entity_poly.pdbx_seq_one_letter_code_can   NNNGACUUAAGUC 
_entity_poly.pdbx_strand_id                 A 
_entity_poly.pdbx_target_identifier         ? 
# 
loop_
_entity_poly_seq.entity_id 
_entity_poly_seq.num 
_entity_poly_seq.mon_id 
_entity_poly_seq.hetero 
1 1  LCC n 
1 2  LCC n 
1 3  LCC n 
1 4  LCG n 
1 5  A   n 
1 6  C   n 
1 7  U   n 
1 8  U   n 
1 9  A   n 
1 10 A   n 
1 11 G   n 
1 12 U   n 
1 13 C   n 
# 
_pdbx_entity_src_syn.entity_id              1 
_pdbx_entity_src_syn.pdbx_src_id            1 
_pdbx_entity_src_syn.pdbx_alt_source_flag   sample 
_pdbx_entity_src_syn.pdbx_beg_seq_num       1 
_pdbx_entity_src_syn.pdbx_end_seq_num       13 
_pdbx_entity_src_syn.organism_scientific    'synthetic construct' 
_pdbx_entity_src_syn.organism_common_name   ? 
_pdbx_entity_src_syn.ncbi_taxonomy_id       32630 
_pdbx_entity_src_syn.details                ? 
# 
_struct_ref.id                         1 
_struct_ref.db_name                    PDB 
_struct_ref.db_code                    5V0K 
_struct_ref.pdbx_db_accession          5V0K 
_struct_ref.pdbx_db_isoform            ? 
_struct_ref.entity_id                  1 
_struct_ref.pdbx_seq_one_letter_code   ? 
_struct_ref.pdbx_align_begin           1 
# 
_struct_ref_seq.align_id                      1 
_struct_ref_seq.ref_id                        1 
_struct_ref_seq.pdbx_PDB_id_code              5V0K 
_struct_ref_seq.pdbx_strand_id                A 
_struct_ref_seq.seq_align_beg                 1 
_struct_ref_seq.pdbx_seq_align_beg_ins_code   ? 
_struct_ref_seq.seq_align_end                 13 
_struct_ref_seq.pdbx_seq_align_end_ins_code   ? 
_struct_ref_seq.pdbx_db_accession             5V0K 
_struct_ref_seq.db_align_beg                  1 
_struct_ref_seq.pdbx_db_align_beg_ins_code    ? 
_struct_ref_seq.db_align_end                  13 
_struct_ref_seq.pdbx_db_align_end_ins_code    ? 
_struct_ref_seq.pdbx_auth_seq_align_beg       1 
_struct_ref_seq.pdbx_auth_seq_align_end       13 
# 
loop_
_chem_comp.id 
_chem_comp.type 
_chem_comp.mon_nstd_flag 
_chem_comp.name 
_chem_comp.pdbx_synonyms 
_chem_comp.formula 
_chem_comp.formula_weight 
8OS 'RNA linking' n "5'-O-[(S)-hydroxy(4-methyl-1H-imidazol-5-yl)phosphoryl]guanosine" ? 'C14 H18 N7 O7 P' 427.309 
A   'RNA linking' y "ADENOSINE-5'-MONOPHOSPHATE" ? 'C10 H14 N5 O7 P' 347.221 
C   'RNA linking' y "CYTIDINE-5'-MONOPHOSPHATE" ? 'C9 H14 N3 O8 P'  323.197 
G   'RNA linking' y "GUANOSINE-5'-MONOPHOSPHATE" ? 'C10 H14 N5 O8 P' 363.221 
HOH non-polymer   . WATER ? 'H2 O'            18.015  
LCC 'RNA linking' . 
'[(1R,3R,4R,7S)-7-HYDROXY-3-(5-METHYLCYTOSIN-1-YL)-2,5-DIOXABICYCLO[2.2.1]HEPT-1-YL]METHYL DIHYDROGEN PHOSPHATE' ? 
'C11 H16 N3 O8 P' 349.234 
LCG 'RNA linking' n '[(1R,3R,4R,7S)-7-HYDROXY-3-(GUANIN-9-YL)-2,5-DIOXABICYCLO[2.2.1]HEPT-1-YL]METHYL DIHYDROGEN PHOSPHATE' ? 
'C11 H14 N5 O8 P' 375.231 
MG  non-polymer   . 'MAGNESIUM ION' ? 'Mg 2'            24.305  
U   'RNA linking' y "URIDINE-5'-MONOPHOSPHATE" ? 'C9 H13 N2 O9 P'  324.181 
# 
_exptl.absorpt_coefficient_mu     ? 
_exptl.absorpt_correction_T_max   ? 
_exptl.absorpt_correction_T_min   ? 
_exptl.absorpt_correction_type    ? 
_exptl.absorpt_process_details    ? 
_exptl.entry_id                   5V0K 
_exptl.crystals_number            1 
_exptl.details                    ? 
_exptl.method                     'X-RAY DIFFRACTION' 
_exptl.method_details             ? 
# 
_exptl_crystal.colour                      ? 
_exptl_crystal.density_diffrn              ? 
_exptl_crystal.density_Matthews            2.48 
_exptl_crystal.density_method              ? 
_exptl_crystal.density_percent_sol         50.33 
_exptl_crystal.description                 ? 
_exptl_crystal.F_000                       ? 
_exptl_crystal.id                          1 
_exptl_crystal.preparation                 ? 
_exptl_crystal.size_max                    ? 
_exptl_crystal.size_mid                    ? 
_exptl_crystal.size_min                    ? 
_exptl_crystal.size_rad                    ? 
_exptl_crystal.colour_lustre               ? 
_exptl_crystal.colour_modifier             ? 
_exptl_crystal.colour_primary              ? 
_exptl_crystal.density_meas                ? 
_exptl_crystal.density_meas_esd            ? 
_exptl_crystal.density_meas_gt             ? 
_exptl_crystal.density_meas_lt             ? 
_exptl_crystal.density_meas_temp           ? 
_exptl_crystal.density_meas_temp_esd       ? 
_exptl_crystal.density_meas_temp_gt        ? 
_exptl_crystal.density_meas_temp_lt        ? 
_exptl_crystal.pdbx_crystal_image_url      ? 
_exptl_crystal.pdbx_crystal_image_format   ? 
_exptl_crystal.pdbx_mosaicity              ? 
_exptl_crystal.pdbx_mosaicity_esd          ? 
# 
_exptl_crystal_grow.apparatus       ? 
_exptl_crystal_grow.atmosphere      ? 
_exptl_crystal_grow.crystal_id      1 
_exptl_crystal_grow.details         ? 
_exptl_crystal_grow.method          'VAPOR DIFFUSION, SITTING DROP' 
_exptl_crystal_grow.method_ref      ? 
_exptl_crystal_grow.pH              7.0 
_exptl_crystal_grow.pressure        ? 
_exptl_crystal_grow.pressure_esd    ? 
_exptl_crystal_grow.seeding         ? 
_exptl_crystal_grow.seeding_ref     ? 
_exptl_crystal_grow.temp            291 
_exptl_crystal_grow.temp_details    ? 
_exptl_crystal_grow.temp_esd        ? 
_exptl_crystal_grow.time            ? 
_exptl_crystal_grow.pdbx_details    
;0.04 M Lithium chloride,
0.08 M Strontium chloride hexahydrate
0.04 M Sodium cacodylate trihydrate pH 7.0
30% v/v (+/-)-2-Methyl-2,4-pentanediol,
0.012 M Spermine tetrahydrochloride,
0.02 M Magnesium chloride
;
_exptl_crystal_grow.pdbx_pH_range   ? 
# 
_diffrn.ambient_environment    ? 
_diffrn.ambient_temp           99 
_diffrn.ambient_temp_details   ? 
_diffrn.ambient_temp_esd       ? 
_diffrn.crystal_id             1 
_diffrn.crystal_support        ? 
_diffrn.crystal_treatment      ? 
_diffrn.details                ? 
_diffrn.id                     1 
_diffrn.ambient_pressure       ? 
_diffrn.ambient_pressure_esd   ? 
_diffrn.ambient_pressure_gt    ? 
_diffrn.ambient_pressure_lt    ? 
_diffrn.ambient_temp_gt        ? 
_diffrn.ambient_temp_lt        ? 
# 
_diffrn_detector.details                      ? 
_diffrn_detector.detector                     CCD 
_diffrn_detector.diffrn_id                    1 
_diffrn_detector.type                         'MARMOSAIC 300 mm CCD' 
_diffrn_detector.area_resol_mean              ? 
_diffrn_detector.dtime                        ? 
_diffrn_detector.pdbx_frames_total            ? 
_diffrn_detector.pdbx_collection_time_total   ? 
_diffrn_detector.pdbx_collection_date         2015-10-18 
# 
_diffrn_radiation.collimation                      ? 
_diffrn_radiation.diffrn_id                        1 
_diffrn_radiation.filter_edge                      ? 
_diffrn_radiation.inhomogeneity                    ? 
_diffrn_radiation.monochromator                    ? 
_diffrn_radiation.polarisn_norm                    ? 
_diffrn_radiation.polarisn_ratio                   ? 
_diffrn_radiation.probe                            ? 
_diffrn_radiation.type                             ? 
_diffrn_radiation.xray_symbol                      ? 
_diffrn_radiation.wavelength_id                    1 
_diffrn_radiation.pdbx_monochromatic_or_laue_m_l   M 
_diffrn_radiation.pdbx_wavelength_list             ? 
_diffrn_radiation.pdbx_wavelength                  ? 
_diffrn_radiation.pdbx_diffrn_protocol             'SINGLE WAVELENGTH' 
_diffrn_radiation.pdbx_analyzer                    ? 
_diffrn_radiation.pdbx_scattering_type             x-ray 
# 
_diffrn_radiation_wavelength.id           1 
_diffrn_radiation_wavelength.wavelength   1 
_diffrn_radiation_wavelength.wt           1.0 
# 
_diffrn_source.current                     ? 
_diffrn_source.details                     ? 
_diffrn_source.diffrn_id                   1 
_diffrn_source.power                       ? 
_diffrn_source.size                        ? 
_diffrn_source.source                      SYNCHROTRON 
_diffrn_source.target                      ? 
_diffrn_source.type                        'ALS BEAMLINE 8.2.1' 
_diffrn_source.voltage                     ? 
_diffrn_source.take-off_angle              ? 
_diffrn_source.pdbx_wavelength_list        1 
_diffrn_source.pdbx_wavelength             ? 
_diffrn_source.pdbx_synchrotron_beamline   8.2.1 
_diffrn_source.pdbx_synchrotron_site       ALS 
# 
_reflns.B_iso_Wilson_estimate            ? 
_reflns.entry_id                         5V0K 
_reflns.data_reduction_details           ? 
_reflns.data_reduction_method            ? 
_reflns.d_resolution_high                1.60 
_reflns.d_resolution_low                 50 
_reflns.details                          ? 
_reflns.limit_h_max                      ? 
_reflns.limit_h_min                      ? 
_reflns.limit_k_max                      ? 
_reflns.limit_k_min                      ? 
_reflns.limit_l_max                      ? 
_reflns.limit_l_min                      ? 
_reflns.number_all                       ? 
_reflns.number_obs                       5712 
_reflns.observed_criterion               ? 
_reflns.observed_criterion_F_max         ? 
_reflns.observed_criterion_F_min         ? 
_reflns.observed_criterion_I_max         ? 
_reflns.observed_criterion_I_min         ? 
_reflns.observed_criterion_sigma_F       ? 
_reflns.observed_criterion_sigma_I       ? 
_reflns.percent_possible_obs             99.5 
_reflns.R_free_details                   ? 
_reflns.Rmerge_F_all                     ? 
_reflns.Rmerge_F_obs                     ? 
_reflns.Friedel_coverage                 ? 
_reflns.number_gt                        ? 
_reflns.threshold_expression             ? 
_reflns.pdbx_redundancy                  8.9 
_reflns.pdbx_Rmerge_I_obs                0.083 
_reflns.pdbx_Rmerge_I_all                ? 
_reflns.pdbx_Rsym_value                  0.067 
_reflns.pdbx_netI_over_av_sigmaI         ? 
_reflns.pdbx_netI_over_sigmaI            23.54 
_reflns.pdbx_res_netI_over_av_sigmaI_2   ? 
_reflns.pdbx_res_netI_over_sigmaI_2      ? 
_reflns.pdbx_chi_squared                 0.788 
_reflns.pdbx_scaling_rejects             ? 
_reflns.pdbx_d_res_high_opt              ? 
_reflns.pdbx_d_res_low_opt               ? 
_reflns.pdbx_d_res_opt_method            ? 
_reflns.phase_calculation_details        ? 
_reflns.pdbx_Rrim_I_all                  ? 
_reflns.pdbx_Rpim_I_all                  ? 
_reflns.pdbx_d_opt                       ? 
_reflns.pdbx_number_measured_all         ? 
_reflns.pdbx_diffrn_id                   1 
_reflns.pdbx_ordinal                     1 
_reflns.pdbx_CC_half                     ? 
_reflns.pdbx_R_split                     ? 
# 
_reflns_shell.d_res_high                  1.60 
_reflns_shell.d_res_low                   1.66 
_reflns_shell.meanI_over_sigI_all         ? 
_reflns_shell.meanI_over_sigI_obs         2.41 
_reflns_shell.number_measured_all         ? 
_reflns_shell.number_measured_obs         ? 
_reflns_shell.number_possible             ? 
_reflns_shell.number_unique_all           ? 
_reflns_shell.number_unique_obs           536 
_reflns_shell.percent_possible_all        94.9 
_reflns_shell.percent_possible_obs        ? 
_reflns_shell.Rmerge_F_all                ? 
_reflns_shell.Rmerge_F_obs                ? 
_reflns_shell.Rmerge_I_all                ? 
_reflns_shell.Rmerge_I_obs                0.364 
_reflns_shell.meanI_over_sigI_gt          ? 
_reflns_shell.meanI_over_uI_all           ? 
_reflns_shell.meanI_over_uI_gt            ? 
_reflns_shell.number_measured_gt          ? 
_reflns_shell.number_unique_gt            ? 
_reflns_shell.percent_possible_gt         ? 
_reflns_shell.Rmerge_F_gt                 ? 
_reflns_shell.Rmerge_I_gt                 ? 
_reflns_shell.pdbx_redundancy             4.1 
_reflns_shell.pdbx_Rsym_value             0.190 
_reflns_shell.pdbx_chi_squared            0.517 
_reflns_shell.pdbx_netI_over_sigmaI_all   ? 
_reflns_shell.pdbx_netI_over_sigmaI_obs   ? 
_reflns_shell.pdbx_Rrim_I_all             ? 
_reflns_shell.pdbx_Rpim_I_all             ? 
_reflns_shell.pdbx_rejects                ? 
_reflns_shell.pdbx_ordinal                1 
_reflns_shell.pdbx_diffrn_id              1 
_reflns_shell.pdbx_CC_half                0.988 
_reflns_shell.pdbx_R_split                ? 
# 
_refine.aniso_B[1][1]                            -0.01 
_refine.aniso_B[1][2]                            0.00 
_refine.aniso_B[1][3]                            0.00 
_refine.aniso_B[2][2]                            -0.01 
_refine.aniso_B[2][3]                            0.00 
_refine.aniso_B[3][3]                            0.02 
_refine.B_iso_max                                ? 
_refine.B_iso_mean                               24.074 
_refine.B_iso_min                                ? 
_refine.correlation_coeff_Fo_to_Fc               0.975 
_refine.correlation_coeff_Fo_to_Fc_free          0.953 
_refine.details                                  'HYDROGENS HAVE BEEN ADDED IN THE RIDING POSITIONS' 
_refine.diff_density_max                         ? 
_refine.diff_density_max_esd                     ? 
_refine.diff_density_min                         ? 
_refine.diff_density_min_esd                     ? 
_refine.diff_density_rms                         ? 
_refine.diff_density_rms_esd                     ? 
_refine.entry_id                                 5V0K 
_refine.pdbx_refine_id                           'X-RAY DIFFRACTION' 
_refine.ls_abs_structure_details                 ? 
_refine.ls_abs_structure_Flack                   ? 
_refine.ls_abs_structure_Flack_esd               ? 
_refine.ls_abs_structure_Rogers                  ? 
_refine.ls_abs_structure_Rogers_esd              ? 
_refine.ls_d_res_high                            1.60 
_refine.ls_d_res_low                             40.10 
_refine.ls_extinction_coef                       ? 
_refine.ls_extinction_coef_esd                   ? 
_refine.ls_extinction_expression                 ? 
_refine.ls_extinction_method                     ? 
_refine.ls_goodness_of_fit_all                   ? 
_refine.ls_goodness_of_fit_all_esd               ? 
_refine.ls_goodness_of_fit_obs                   ? 
_refine.ls_goodness_of_fit_obs_esd               ? 
_refine.ls_hydrogen_treatment                    ? 
_refine.ls_matrix_type                           ? 
_refine.ls_number_constraints                    ? 
_refine.ls_number_parameters                     ? 
_refine.ls_number_reflns_all                     ? 
_refine.ls_number_reflns_obs                     5435 
_refine.ls_number_reflns_R_free                  274 
_refine.ls_number_reflns_R_work                  ? 
_refine.ls_number_restraints                     ? 
_refine.ls_percent_reflns_obs                    99.48 
_refine.ls_percent_reflns_R_free                 4.8 
_refine.ls_R_factor_all                          ? 
_refine.ls_R_factor_obs                          0.17668 
_refine.ls_R_factor_R_free                       0.22601 
_refine.ls_R_factor_R_free_error                 ? 
_refine.ls_R_factor_R_free_error_details         ? 
_refine.ls_R_factor_R_work                       0.17431 
_refine.ls_R_Fsqd_factor_obs                     ? 
_refine.ls_R_I_factor_obs                        ? 
_refine.ls_redundancy_reflns_all                 ? 
_refine.ls_redundancy_reflns_obs                 ? 
_refine.ls_restrained_S_all                      ? 
_refine.ls_restrained_S_obs                      ? 
_refine.ls_shift_over_esd_max                    ? 
_refine.ls_shift_over_esd_mean                   ? 
_refine.ls_structure_factor_coef                 ? 
_refine.ls_weighting_details                     ? 
_refine.ls_weighting_scheme                      ? 
_refine.ls_wR_factor_all                         ? 
_refine.ls_wR_factor_obs                         ? 
_refine.ls_wR_factor_R_free                      ? 
_refine.ls_wR_factor_R_work                      ? 
_refine.occupancy_max                            ? 
_refine.occupancy_min                            ? 
_refine.solvent_model_details                    ? 
_refine.solvent_model_param_bsol                 ? 
_refine.solvent_model_param_ksol                 ? 
_refine.ls_R_factor_gt                           ? 
_refine.ls_goodness_of_fit_gt                    ? 
_refine.ls_goodness_of_fit_ref                   ? 
_refine.ls_shift_over_su_max                     ? 
_refine.ls_shift_over_su_max_lt                  ? 
_refine.ls_shift_over_su_mean                    ? 
_refine.ls_shift_over_su_mean_lt                 ? 
_refine.pdbx_ls_sigma_I                          ? 
_refine.pdbx_ls_sigma_F                          ? 
_refine.pdbx_ls_sigma_Fsqd                       ? 
_refine.pdbx_data_cutoff_high_absF               ? 
_refine.pdbx_data_cutoff_high_rms_absF           ? 
_refine.pdbx_data_cutoff_low_absF                ? 
_refine.pdbx_isotropic_thermal_model             ? 
_refine.pdbx_ls_cross_valid_method               THROUGHOUT 
_refine.pdbx_method_to_determine_struct          'MOLECULAR REPLACEMENT' 
_refine.pdbx_starting_model                      5HBX 
_refine.pdbx_stereochemistry_target_values       ? 
_refine.pdbx_R_Free_selection_details            RANDOM 
_refine.pdbx_stereochem_target_val_spec_case     ? 
_refine.pdbx_overall_ESU_R                       0.086 
_refine.pdbx_overall_ESU_R_Free                  0.096 
_refine.pdbx_solvent_vdw_probe_radii             1.20 
_refine.pdbx_solvent_ion_probe_radii             0.80 
_refine.pdbx_solvent_shrinkage_radii             0.80 
_refine.pdbx_real_space_R                        ? 
_refine.pdbx_density_correlation                 ? 
_refine.pdbx_pd_number_of_powder_patterns        ? 
_refine.pdbx_pd_number_of_points                 ? 
_refine.pdbx_pd_meas_number_of_points            ? 
_refine.pdbx_pd_proc_ls_prof_R_factor            ? 
_refine.pdbx_pd_proc_ls_prof_wR_factor           ? 
_refine.pdbx_pd_Marquardt_correlation_coeff      ? 
_refine.pdbx_pd_Fsqrd_R_factor                   ? 
_refine.pdbx_pd_ls_matrix_band_width             ? 
_refine.pdbx_overall_phase_error                 ? 
_refine.pdbx_overall_SU_R_free_Cruickshank_DPI   ? 
_refine.pdbx_overall_SU_R_free_Blow_DPI          ? 
_refine.pdbx_overall_SU_R_Blow_DPI               ? 
_refine.pdbx_TLS_residual_ADP_flag               ? 
_refine.pdbx_diffrn_id                           1 
_refine.overall_SU_B                             1.892 
_refine.overall_SU_ML                            0.064 
_refine.overall_SU_R_Cruickshank_DPI             ? 
_refine.overall_SU_R_free                        ? 
_refine.overall_FOM_free_R_set                   ? 
_refine.overall_FOM_work_R_set                   ? 
_refine.pdbx_average_fsc_overall                 ? 
_refine.pdbx_average_fsc_work                    ? 
_refine.pdbx_average_fsc_free                    ? 
# 
_refine_hist.pdbx_refine_id                   'X-RAY DIFFRACTION' 
_refine_hist.cycle_id                         1 
_refine_hist.pdbx_number_atoms_protein        0 
_refine_hist.pdbx_number_atoms_nucleic_acid   276 
_refine_hist.pdbx_number_atoms_ligand         59 
_refine_hist.number_atoms_solvent             31 
_refine_hist.number_atoms_total               366 
_refine_hist.d_res_high                       1.60 
_refine_hist.d_res_low                        40.10 
# 
loop_
_refine_ls_restr.pdbx_refine_id 
_refine_ls_restr.criterion 
_refine_ls_restr.dev_ideal 
_refine_ls_restr.dev_ideal_target 
_refine_ls_restr.number 
_refine_ls_restr.rejects 
_refine_ls_restr.type 
_refine_ls_restr.weight 
_refine_ls_restr.pdbx_restraint_function 
'X-RAY DIFFRACTION' ? 0.024 0.018  370 ? r_bond_refined_d             ? ? 
'X-RAY DIFFRACTION' ? 0.077 0.024  170 ? r_bond_other_d               ? ? 
'X-RAY DIFFRACTION' ? 2.937 2.058  571 ? r_angle_refined_deg          ? ? 
'X-RAY DIFFRACTION' ? 3.931 3.285  406 ? r_angle_other_deg            ? ? 
'X-RAY DIFFRACTION' ? ?     ?      ?   ? r_dihedral_angle_1_deg       ? ? 
'X-RAY DIFFRACTION' ? ?     ?      ?   ? r_dihedral_angle_2_deg       ? ? 
'X-RAY DIFFRACTION' ? ?     ?      ?   ? r_dihedral_angle_3_deg       ? ? 
'X-RAY DIFFRACTION' ? ?     ?      ?   ? r_dihedral_angle_4_deg       ? ? 
'X-RAY DIFFRACTION' ? 0.129 0.200  65  ? r_chiral_restr               ? ? 
'X-RAY DIFFRACTION' ? 0.024 0.021  194 ? r_gen_planes_refined         ? ? 
'X-RAY DIFFRACTION' ? 0.002 0.022  70  ? r_gen_planes_other           ? ? 
'X-RAY DIFFRACTION' ? ?     ?      ?   ? r_nbd_refined                ? ? 
'X-RAY DIFFRACTION' ? ?     ?      ?   ? r_nbd_other                  ? ? 
'X-RAY DIFFRACTION' ? ?     ?      ?   ? r_nbtor_refined              ? ? 
'X-RAY DIFFRACTION' ? ?     ?      ?   ? r_nbtor_other                ? ? 
'X-RAY DIFFRACTION' ? ?     ?      ?   ? r_xyhbond_nbd_refined        ? ? 
'X-RAY DIFFRACTION' ? ?     ?      ?   ? r_xyhbond_nbd_other          ? ? 
'X-RAY DIFFRACTION' ? ?     ?      ?   ? r_metal_ion_refined          ? ? 
'X-RAY DIFFRACTION' ? ?     ?      ?   ? r_metal_ion_other            ? ? 
'X-RAY DIFFRACTION' ? ?     ?      ?   ? r_symmetry_vdw_refined       ? ? 
'X-RAY DIFFRACTION' ? ?     ?      ?   ? r_symmetry_vdw_other         ? ? 
'X-RAY DIFFRACTION' ? ?     ?      ?   ? r_symmetry_hbond_refined     ? ? 
'X-RAY DIFFRACTION' ? ?     ?      ?   ? r_symmetry_hbond_other       ? ? 
'X-RAY DIFFRACTION' ? ?     ?      ?   ? r_symmetry_metal_ion_refined ? ? 
'X-RAY DIFFRACTION' ? ?     ?      ?   ? r_symmetry_metal_ion_other   ? ? 
'X-RAY DIFFRACTION' ? ?     ?      ?   ? r_mcbond_it                  ? ? 
'X-RAY DIFFRACTION' ? ?     ?      ?   ? r_mcbond_other               ? ? 
'X-RAY DIFFRACTION' ? ?     ?      ?   ? r_mcangle_it                 ? ? 
'X-RAY DIFFRACTION' ? ?     ?      ?   ? r_mcangle_other              ? ? 
'X-RAY DIFFRACTION' ? 2.775 2.468  368 ? r_scbond_it                  ? ? 
'X-RAY DIFFRACTION' ? 2.771 2.475  369 ? r_scbond_other               ? ? 
'X-RAY DIFFRACTION' ? ?     ?      ?   ? r_scangle_it                 ? ? 
'X-RAY DIFFRACTION' ? 4.176 3.710  572 ? r_scangle_other              ? ? 
'X-RAY DIFFRACTION' ? 4.487 23.796 518 ? r_long_range_B_refined       ? ? 
'X-RAY DIFFRACTION' ? 4.453 23.734 512 ? r_long_range_B_other         ? ? 
'X-RAY DIFFRACTION' ? ?     ?      ?   ? r_rigid_bond_restr           ? ? 
'X-RAY DIFFRACTION' ? ?     ?      ?   ? r_sphericity_free            ? ? 
'X-RAY DIFFRACTION' ? ?     ?      ?   ? r_sphericity_bonded          ? ? 
# 
_refine_ls_shell.pdbx_refine_id                   'X-RAY DIFFRACTION' 
_refine_ls_shell.d_res_high                       1.600 
_refine_ls_shell.d_res_low                        1.642 
_refine_ls_shell.number_reflns_all                ? 
_refine_ls_shell.number_reflns_obs                ? 
_refine_ls_shell.number_reflns_R_free             24 
_refine_ls_shell.number_reflns_R_work             357 
_refine_ls_shell.percent_reflns_obs               93.38 
_refine_ls_shell.percent_reflns_R_free            ? 
_refine_ls_shell.R_factor_all                     ? 
_refine_ls_shell.R_factor_obs                     ? 
_refine_ls_shell.R_factor_R_free                  0.351 
_refine_ls_shell.R_factor_R_free_error            ? 
_refine_ls_shell.R_factor_R_work                  0.278 
_refine_ls_shell.redundancy_reflns_all            ? 
_refine_ls_shell.redundancy_reflns_obs            ? 
_refine_ls_shell.wR_factor_all                    ? 
_refine_ls_shell.wR_factor_obs                    ? 
_refine_ls_shell.wR_factor_R_free                 ? 
_refine_ls_shell.wR_factor_R_work                 ? 
_refine_ls_shell.pdbx_total_number_of_bins_used   20 
_refine_ls_shell.pdbx_phase_error                 ? 
_refine_ls_shell.pdbx_fsc_work                    ? 
_refine_ls_shell.pdbx_fsc_free                    ? 
# 
_struct.entry_id                     5V0K 
_struct.title                        'RNA duplex with 2-MeImpG analogue bound-3 binding sites' 
_struct.pdbx_model_details           ? 
_struct.pdbx_formula_weight          ? 
_struct.pdbx_formula_weight_method   ? 
_struct.pdbx_model_type_details      ? 
_struct.pdbx_CASP_flag               N 
# 
_struct_keywords.entry_id        5V0K 
_struct_keywords.text            RNA 
_struct_keywords.pdbx_keywords   RNA 
# 
loop_
_struct_asym.id 
_struct_asym.pdbx_blank_PDB_chainid_flag 
_struct_asym.pdbx_modified 
_struct_asym.entity_id 
_struct_asym.details 
A N N 1 ? 
B N N 2 ? 
C N N 2 ? 
D N N 3 ? 
E N N 4 ? 
# 
loop_
_struct_conn.id 
_struct_conn.conn_type_id 
_struct_conn.pdbx_leaving_atom_flag 
_struct_conn.pdbx_PDB_id 
_struct_conn.ptnr1_label_asym_id 
_struct_conn.ptnr1_label_comp_id 
_struct_conn.ptnr1_label_seq_id 
_struct_conn.ptnr1_label_atom_id 
_struct_conn.pdbx_ptnr1_label_alt_id 
_struct_conn.pdbx_ptnr1_PDB_ins_code 
_struct_conn.pdbx_ptnr1_standard_comp_id 
_struct_conn.ptnr1_symmetry 
_struct_conn.ptnr2_label_asym_id 
_struct_conn.ptnr2_label_comp_id 
_struct_conn.ptnr2_label_seq_id 
_struct_conn.ptnr2_label_atom_id 
_struct_conn.pdbx_ptnr2_label_alt_id 
_struct_conn.pdbx_ptnr2_PDB_ins_code 
_struct_conn.ptnr1_auth_asym_id 
_struct_conn.ptnr1_auth_comp_id 
_struct_conn.ptnr1_auth_seq_id 
_struct_conn.ptnr2_auth_asym_id 
_struct_conn.ptnr2_auth_comp_id 
_struct_conn.ptnr2_auth_seq_id 
_struct_conn.ptnr2_symmetry 
_struct_conn.pdbx_ptnr3_label_atom_id 
_struct_conn.pdbx_ptnr3_label_seq_id 
_struct_conn.pdbx_ptnr3_label_comp_id 
_struct_conn.pdbx_ptnr3_label_asym_id 
_struct_conn.pdbx_ptnr3_label_alt_id 
_struct_conn.pdbx_ptnr3_PDB_ins_code 
_struct_conn.details 
_struct_conn.pdbx_dist_value 
_struct_conn.pdbx_value_order 
_struct_conn.pdbx_role 
covale1  covale both ? A LCC 1  "O3'" ? ? ? 1_555 A LCC 2  P  ? ? A LCC 1   A LCC 2   1_555 ? ? ? ? ? ? ?            1.697 ? ? 
covale2  covale both ? A LCC 2  "O3'" ? ? ? 1_555 A LCC 3  P  ? ? A LCC 2   A LCC 3   1_555 ? ? ? ? ? ? ?            1.693 ? ? 
covale3  covale both ? A LCC 3  "O3'" ? ? ? 1_555 A LCG 4  P  ? ? A LCC 3   A LCG 4   1_555 ? ? ? ? ? ? ?            1.644 ? ? 
covale4  covale both ? A LCG 4  "O3'" ? ? ? 1_555 A A   5  P  ? ? A LCG 4   A A   5   1_555 ? ? ? ? ? ? ?            1.563 ? ? 
metalc1  metalc ?    ? A LCC 2  O1P   ? ? ? 1_555 D MG  .  MG ? ? A LCC 2   A MG  103 1_555 ? ? ? ? ? ? ?            2.042 ? ? 
metalc2  metalc ?    ? A LCC 2  O1P   ? ? ? 1_555 D MG  .  MG ? ? A LCC 2   A MG  103 2_775 ? ? ? ? ? ? ?            2.043 ? ? 
metalc3  metalc ?    ? D MG  .  MG    ? ? ? 1_555 E HOH .  O  ? ? A MG  103 A HOH 219 1_555 ? ? ? ? ? ? ?            2.217 ? ? 
metalc4  metalc ?    ? D MG  .  MG    ? ? ? 1_555 E HOH .  O  ? ? A MG  103 A HOH 219 3_575 ? ? ? ? ? ? ?            2.217 ? ? 
hydrog1  hydrog ?    ? A LCG 4  N1    ? ? ? 1_555 A C   13 N3 ? ? A LCG 4   A C   13  5_676 ? ? ? ? ? ? WATSON-CRICK ?     ? ? 
hydrog2  hydrog ?    ? A LCG 4  N2    ? ? ? 1_555 A C   13 O2 ? ? A LCG 4   A C   13  5_676 ? ? ? ? ? ? WATSON-CRICK ?     ? ? 
hydrog3  hydrog ?    ? A LCG 4  O6    ? ? ? 1_555 A C   13 N4 ? ? A LCG 4   A C   13  5_676 ? ? ? ? ? ? WATSON-CRICK ?     ? ? 
hydrog4  hydrog ?    ? A A   5  N1    ? ? ? 1_555 A U   12 N3 ? ? A A   5   A U   12  5_676 ? ? ? ? ? ? WATSON-CRICK ?     ? ? 
hydrog5  hydrog ?    ? A A   5  N6    ? ? ? 1_555 A U   12 O4 ? ? A A   5   A U   12  5_676 ? ? ? ? ? ? WATSON-CRICK ?     ? ? 
hydrog6  hydrog ?    ? A C   6  N3    ? ? ? 1_555 A G   11 N1 ? ? A C   6   A G   11  5_676 ? ? ? ? ? ? WATSON-CRICK ?     ? ? 
hydrog7  hydrog ?    ? A C   6  N4    ? ? ? 1_555 A G   11 O6 ? ? A C   6   A G   11  5_676 ? ? ? ? ? ? WATSON-CRICK ?     ? ? 
hydrog8  hydrog ?    ? A C   6  O2    ? ? ? 1_555 A G   11 N2 ? ? A C   6   A G   11  5_676 ? ? ? ? ? ? WATSON-CRICK ?     ? ? 
hydrog9  hydrog ?    ? A U   7  N3    ? ? ? 1_555 A A   10 N1 ? ? A U   7   A A   10  5_676 ? ? ? ? ? ? WATSON-CRICK ?     ? ? 
hydrog10 hydrog ?    ? A U   7  O4    ? ? ? 1_555 A A   10 N6 ? ? A U   7   A A   10  5_676 ? ? ? ? ? ? WATSON-CRICK ?     ? ? 
hydrog11 hydrog ?    ? A U   8  N3    ? ? ? 1_555 A A   9  N1 ? ? A U   8   A A   9   5_676 ? ? ? ? ? ? WATSON-CRICK ?     ? ? 
hydrog12 hydrog ?    ? A U   8  O4    ? ? ? 1_555 A A   9  N6 ? ? A U   8   A A   9   5_676 ? ? ? ? ? ? WATSON-CRICK ?     ? ? 
hydrog13 hydrog ?    ? A A   9  N1    ? ? ? 1_555 A U   8  N3 ? ? A A   9   A U   8   5_676 ? ? ? ? ? ? WATSON-CRICK ?     ? ? 
hydrog14 hydrog ?    ? A A   9  N6    ? ? ? 1_555 A U   8  O4 ? ? A A   9   A U   8   5_676 ? ? ? ? ? ? WATSON-CRICK ?     ? ? 
hydrog15 hydrog ?    ? A A   10 N1    ? ? ? 1_555 A U   7  N3 ? ? A A   10  A U   7   5_676 ? ? ? ? ? ? WATSON-CRICK ?     ? ? 
hydrog16 hydrog ?    ? A A   10 N6    ? ? ? 1_555 A U   7  O4 ? ? A A   10  A U   7   5_676 ? ? ? ? ? ? WATSON-CRICK ?     ? ? 
hydrog17 hydrog ?    ? A G   11 N1    ? ? ? 1_555 A C   6  N3 ? ? A G   11  A C   6   5_676 ? ? ? ? ? ? WATSON-CRICK ?     ? ? 
hydrog18 hydrog ?    ? A G   11 N2    ? ? ? 1_555 A C   6  O2 ? ? A G   11  A C   6   5_676 ? ? ? ? ? ? WATSON-CRICK ?     ? ? 
hydrog19 hydrog ?    ? A G   11 O6    ? ? ? 1_555 A C   6  N4 ? ? A G   11  A C   6   5_676 ? ? ? ? ? ? WATSON-CRICK ?     ? ? 
hydrog20 hydrog ?    ? A U   12 N3    ? ? ? 1_555 A A   5  N1 ? ? A U   12  A A   5   5_676 ? ? ? ? ? ? WATSON-CRICK ?     ? ? 
hydrog21 hydrog ?    ? A U   12 O4    ? ? ? 1_555 A A   5  N6 ? ? A U   12  A A   5   5_676 ? ? ? ? ? ? WATSON-CRICK ?     ? ? 
hydrog22 hydrog ?    ? A C   13 N3    ? ? ? 1_555 A LCG 4  N1 ? ? A C   13  A LCG 4   5_676 ? ? ? ? ? ? WATSON-CRICK ?     ? ? 
hydrog23 hydrog ?    ? A C   13 N4    ? ? ? 1_555 A LCG 4  O6 ? ? A C   13  A LCG 4   5_676 ? ? ? ? ? ? WATSON-CRICK ?     ? ? 
hydrog24 hydrog ?    ? A C   13 O2    ? ? ? 1_555 A LCG 4  N2 ? ? A C   13  A LCG 4   5_676 ? ? ? ? ? ? WATSON-CRICK ?     ? ? 
# 
loop_
_struct_conn_type.id 
_struct_conn_type.criteria 
_struct_conn_type.reference 
covale ? ? 
metalc ? ? 
hydrog ? ? 
# 
loop_
_struct_site.id 
_struct_site.pdbx_evidence_code 
_struct_site.pdbx_auth_asym_id 
_struct_site.pdbx_auth_comp_id 
_struct_site.pdbx_auth_seq_id 
_struct_site.pdbx_auth_ins_code 
_struct_site.pdbx_num_residues 
_struct_site.details 
AC1 Software A 8OS 101 ? 10 'binding site for residue 8OS A 101' 
AC2 Software A 8OS 102 ? 8  'binding site for residue 8OS A 102' 
AC3 Software A MG  103 ? 6  'binding site for residue MG A 103'  
# 
loop_
_struct_site_gen.id 
_struct_site_gen.site_id 
_struct_site_gen.pdbx_num_res 
_struct_site_gen.label_comp_id 
_struct_site_gen.label_asym_id 
_struct_site_gen.label_seq_id 
_struct_site_gen.pdbx_auth_ins_code 
_struct_site_gen.auth_comp_id 
_struct_site_gen.auth_asym_id 
_struct_site_gen.auth_seq_id 
_struct_site_gen.label_atom_id 
_struct_site_gen.label_alt_id 
_struct_site_gen.symmetry 
_struct_site_gen.details 
1  AC1 10 LCC A 1  ? LCC A 1   . ? 1_555 ? 
2  AC1 10 LCC A 3  ? LCC A 3   . ? 5_675 ? 
3  AC1 10 LCG A 4  ? LCG A 4   . ? 5_675 ? 
4  AC1 10 C   A 13 ? C   A 13  . ? 1_554 ? 
5  AC1 10 C   A 13 ? C   A 13  . ? 3_574 ? 
6  AC1 10 8OS C .  ? 8OS A 102 . ? 1_555 ? 
7  AC1 10 HOH E .  ? HOH A 207 . ? 1_555 ? 
8  AC1 10 HOH E .  ? HOH A 217 . ? 1_555 ? 
9  AC1 10 HOH E .  ? HOH A 220 . ? 1_555 ? 
10 AC1 10 HOH E .  ? HOH A 224 . ? 5_675 ? 
11 AC2 8  LCC A 1  ? LCC A 1   . ? 1_555 ? 
12 AC2 8  LCC A 2  ? LCC A 2   . ? 5_675 ? 
13 AC2 8  LCC A 2  ? LCC A 2   . ? 1_555 ? 
14 AC2 8  LCC A 3  ? LCC A 3   . ? 5_675 ? 
15 AC2 8  C   A 13 ? C   A 13  . ? 3_574 ? 
16 AC2 8  8OS B .  ? 8OS A 101 . ? 1_555 ? 
17 AC2 8  HOH E .  ? HOH A 201 . ? 1_555 ? 
18 AC2 8  HOH E .  ? HOH A 202 . ? 3_574 ? 
19 AC3 6  LCC A 2  ? LCC A 2   . ? 3_575 ? 
20 AC3 6  LCC A 2  ? LCC A 2   . ? 1_555 ? 
21 AC3 6  LCC A 2  ? LCC A 2   . ? 2_775 ? 
22 AC3 6  HOH E .  ? HOH A 219 . ? 1_555 ? 
23 AC3 6  HOH E .  ? HOH A 219 . ? 2_775 ? 
24 AC3 6  HOH E .  ? HOH A 219 . ? 3_575 ? 
# 
_atom_sites.entry_id                    5V0K 
_atom_sites.fract_transf_matrix[1][1]   0.02167254 
_atom_sites.fract_transf_matrix[1][2]   -0.00815015 
_atom_sites.fract_transf_matrix[1][3]   0.01454448 
_atom_sites.fract_transf_matrix[2][1]   0.02079361 
_atom_sites.fract_transf_matrix[2][2]   0.01721250 
_atom_sites.fract_transf_matrix[2][3]   0.00436462 
_atom_sites.fract_transf_matrix[3][1]   -0.01101231 
_atom_sites.fract_transf_matrix[3][2]   0.00800505 
_atom_sites.fract_transf_matrix[3][3]   0.02089502 
_atom_sites.fract_transf_vector[1]      0.572088 
_atom_sites.fract_transf_vector[2]      1.031242 
_atom_sites.fract_transf_vector[3]      0.340348 
# 
loop_
_atom_type.symbol 
C  
MG 
N  
O  
P  
# 
loop_
_atom_site.group_PDB 
_atom_site.id 
_atom_site.type_symbol 
_atom_site.label_atom_id 
_atom_site.label_alt_id 
_atom_site.label_comp_id 
_atom_site.label_asym_id 
_atom_site.label_entity_id 
_atom_site.label_seq_id 
_atom_site.pdbx_PDB_ins_code 
_atom_site.Cartn_x 
_atom_site.Cartn_y 
_atom_site.Cartn_z 
_atom_site.occupancy 
_atom_site.B_iso_or_equiv 
_atom_site.pdbx_formal_charge 
_atom_site.auth_seq_id 
_atom_site.auth_comp_id 
_atom_site.auth_asym_id 
_atom_site.auth_atom_id 
_atom_site.pdbx_PDB_model_num 
HETATM 1   O  "O5'" . LCC A 1 1  ? 12.397  -0.986  -9.749  1.00 22.39 ? 1   LCC A "O5'" 1 
HETATM 2   C  "C5'" . LCC A 1 1  ? 13.127  0.164   -10.292 1.00 19.88 ? 1   LCC A "C5'" 1 
HETATM 3   C  "C4'" . LCC A 1 1  ? 12.105  0.870   -11.167 1.00 17.42 ? 1   LCC A "C4'" 1 
HETATM 4   O  "O4'" . LCC A 1 1  ? 11.666  0.070   -12.203 1.00 18.13 ? 1   LCC A "O4'" 1 
HETATM 5   C  "C1'" . LCC A 1 1  ? 10.486  0.753   -12.713 1.00 17.81 ? 1   LCC A "C1'" 1 
HETATM 6   N  N1    . LCC A 1 1  ? 9.369   -0.261  -12.694 1.00 16.58 ? 1   LCC A N1    1 
HETATM 7   C  C6    . LCC A 1 1  ? 9.438   -1.400  -11.902 1.00 17.11 ? 1   LCC A C6    1 
HETATM 8   C  C5    . LCC A 1 1  ? 8.386   -2.287  -11.994 1.00 17.52 ? 1   LCC A C5    1 
HETATM 9   C  C5M   . LCC A 1 1  ? 8.465   -3.443  -11.190 1.00 19.54 ? 1   LCC A C5M   1 
HETATM 10  C  C4    . LCC A 1 1  ? 7.353   -1.943  -12.874 1.00 19.11 ? 1   LCC A C4    1 
HETATM 11  N  N4    . LCC A 1 1  ? 6.372   -2.859  -13.037 1.00 17.38 ? 1   LCC A N4    1 
HETATM 12  N  N3    . LCC A 1 1  ? 7.288   -0.816  -13.584 1.00 17.87 ? 1   LCC A N3    1 
HETATM 13  C  C2    . LCC A 1 1  ? 8.329   0.024   -13.533 1.00 19.12 ? 1   LCC A C2    1 
HETATM 14  O  O2    . LCC A 1 1  ? 8.320   1.133   -14.100 1.00 17.39 ? 1   LCC A O2    1 
HETATM 15  C  "C3'" . LCC A 1 1  ? 10.828  1.363   -10.603 1.00 17.65 ? 1   LCC A "C3'" 1 
HETATM 16  C  "C2'" . LCC A 1 1  ? 10.355  1.968   -11.867 1.00 18.14 ? 1   LCC A "C2'" 1 
HETATM 17  O  "O2'" . LCC A 1 1  ? 11.447  2.833   -12.273 1.00 18.98 ? 1   LCC A "O2'" 1 
HETATM 18  O  "O3'" . LCC A 1 1  ? 11.100  2.453   -9.661  1.00 18.11 ? 1   LCC A "O3'" 1 
HETATM 19  C  "C6'" . LCC A 1 1  ? 12.688  2.218   -11.749 1.00 18.30 ? 1   LCC A "C6'" 1 
HETATM 20  O  "O5'" . LCC A 1 2  ? 8.808   3.600   -9.462  1.00 18.55 ? 2   LCC A "O5'" 1 
HETATM 21  C  "C5'" . LCC A 1 2  ? 8.980   4.923   -9.984  1.00 18.61 ? 2   LCC A "C5'" 1 
HETATM 22  C  "C4'" . LCC A 1 2  ? 7.718   5.066   -10.855 1.00 16.91 ? 2   LCC A "C4'" 1 
HETATM 23  O  "O4'" . LCC A 1 2  ? 7.675   4.081   -11.927 1.00 18.96 ? 2   LCC A "O4'" 1 
HETATM 24  C  "C1'" . LCC A 1 2  ? 6.327   4.035   -12.356 1.00 19.62 ? 2   LCC A "C1'" 1 
HETATM 25  N  N1    . LCC A 1 2  ? 5.798   2.671   -12.061 1.00 17.56 ? 2   LCC A N1    1 
HETATM 26  C  C6    . LCC A 1 2  ? 6.465   1.800   -11.143 1.00 17.72 ? 2   LCC A C6    1 
HETATM 27  C  C5    . LCC A 1 2  ? 5.958   0.608   -10.771 1.00 18.83 ? 2   LCC A C5    1 
HETATM 28  C  C5M   . LCC A 1 2  ? 6.678   -0.230  -9.802  1.00 20.25 ? 2   LCC A C5M   1 
HETATM 29  C  C4    . LCC A 1 2  ? 4.776   0.292   -11.505 1.00 18.55 ? 2   LCC A C4    1 
HETATM 30  N  N4    . LCC A 1 2  ? 4.199   -0.919  -11.273 1.00 19.20 ? 2   LCC A N4    1 
HETATM 31  N  N3    . LCC A 1 2  ? 4.150   1.106   -12.369 1.00 18.34 ? 2   LCC A N3    1 
HETATM 32  C  C2    . LCC A 1 2  ? 4.650   2.329   -12.642 1.00 20.45 ? 2   LCC A C2    1 
HETATM 33  O  O2    . LCC A 1 2  ? 4.055   3.067   -13.438 1.00 18.91 ? 2   LCC A O2    1 
HETATM 34  C  "C3'" . LCC A 1 2  ? 6.392   4.878   -10.239 1.00 17.57 ? 2   LCC A "C3'" 1 
HETATM 35  C  "C2'" . LCC A 1 2  ? 5.672   5.081   -11.518 1.00 19.41 ? 2   LCC A "C2'" 1 
HETATM 36  O  "O2'" . LCC A 1 2  ? 6.208   6.410   -11.987 1.00 20.50 ? 2   LCC A "O2'" 1 
HETATM 37  O  "O3'" . LCC A 1 2  ? 6.096   5.938   -9.317  1.00 19.81 ? 2   LCC A "O3'" 1 
HETATM 38  C  "C6'" . LCC A 1 2  ? 7.632   6.486   -11.427 1.00 18.81 ? 2   LCC A "C6'" 1 
HETATM 39  P  P     . LCC A 1 2  ? 9.965   2.980   -8.516  1.00 18.48 ? 2   LCC A P     1 
HETATM 40  O  O1P   . LCC A 1 2  ? 10.551  4.068   -7.716  1.00 19.48 ? 2   LCC A O1P   1 
HETATM 41  O  O2P   . LCC A 1 2  ? 9.429   1.751   -7.866  1.00 17.95 ? 2   LCC A O2P   1 
HETATM 42  O  "O5'" . LCC A 1 3  ? 3.689   5.430   -8.817  1.00 21.47 ? 3   LCC A "O5'" 1 
HETATM 43  C  "C5'" . LCC A 1 3  ? 3.025   6.472   -9.591  1.00 20.51 ? 3   LCC A "C5'" 1 
HETATM 44  C  "C4'" . LCC A 1 3  ? 1.849   5.755   -10.198 1.00 19.78 ? 3   LCC A "C4'" 1 
HETATM 45  O  "O4'" . LCC A 1 3  ? 2.228   4.557   -10.945 1.00 18.95 ? 3   LCC A "O4'" 1 
HETATM 46  C  "C1'" . LCC A 1 3  ? 0.979   3.821   -11.150 1.00 18.40 ? 3   LCC A "C1'" 1 
HETATM 47  N  N1    . LCC A 1 3  ? 1.163   2.525   -10.504 1.00 18.73 ? 3   LCC A N1    1 
HETATM 48  C  C6    . LCC A 1 3  ? 2.213   2.220   -9.598  1.00 18.59 ? 3   LCC A C6    1 
HETATM 49  C  C5    . LCC A 1 3  ? 2.276   0.974   -9.032  1.00 18.07 ? 3   LCC A C5    1 
HETATM 50  C  C5M   . LCC A 1 3  ? 3.329   0.638   -8.080  1.00 20.09 ? 3   LCC A C5M   1 
HETATM 51  C  C4    . LCC A 1 3  ? 1.298   0.061   -9.448  1.00 19.43 ? 3   LCC A C4    1 
HETATM 52  N  N4    . LCC A 1 3  ? 1.390   -1.147  -8.969  1.00 18.50 ? 3   LCC A N4    1 
HETATM 53  N  N3    . LCC A 1 3  ? 0.309   0.330   -10.301 1.00 18.51 ? 3   LCC A N3    1 
HETATM 54  C  C2    . LCC A 1 3  ? 0.245   1.573   -10.823 1.00 20.88 ? 3   LCC A C2    1 
HETATM 55  O  O2    . LCC A 1 3  ? -0.639  1.865   -11.593 1.00 19.64 ? 3   LCC A O2    1 
HETATM 56  C  "C3'" . LCC A 1 3  ? 0.830   5.210   -9.300  1.00 21.62 ? 3   LCC A "C3'" 1 
HETATM 57  C  "C2'" . LCC A 1 3  ? -0.010  4.670   -10.440 1.00 20.72 ? 3   LCC A "C2'" 1 
HETATM 58  O  "O2'" . LCC A 1 3  ? -0.201  5.821   -11.361 1.00 23.29 ? 3   LCC A "O2'" 1 
HETATM 59  O  "O3'" . LCC A 1 3  ? 0.203   6.298   -8.603  1.00 25.68 ? 3   LCC A "O3'" 1 
HETATM 60  C  "C6'" . LCC A 1 3  ? 1.085   6.613   -11.234 1.00 23.61 ? 3   LCC A "C6'" 1 
HETATM 61  P  P     . LCC A 1 3  ? 5.055   5.730   -7.999  1.00 21.47 ? 3   LCC A P     1 
HETATM 62  O  O1P   . LCC A 1 3  ? 4.972   7.054   -7.280  1.00 24.67 ? 3   LCC A O1P   1 
HETATM 63  O  O2P   . LCC A 1 3  ? 5.397   4.469   -7.244  1.00 22.76 ? 3   LCC A O2P   1 
HETATM 64  P  P     . LCG A 1 4  ? -0.056  6.346   -6.981  1.00 25.51 ? 4   LCG A P     1 
HETATM 65  O  OP1   . LCG A 1 4  ? -0.640  7.732   -6.631  1.00 27.05 ? 4   LCG A OP1   1 
HETATM 66  O  "O5'" . LCG A 1 4  ? -1.252  5.259   -6.866  1.00 23.53 ? 4   LCG A "O5'" 1 
HETATM 67  C  "C5'" . LCG A 1 4  ? -2.540  5.627   -7.399  1.00 24.06 ? 4   LCG A "C5'" 1 
HETATM 68  C  "C3'" . LCG A 1 4  ? -3.589  3.524   -6.389  1.00 22.67 ? 4   LCG A "C3'" 1 
HETATM 69  C  "C6'" . LCG A 1 4  ? -4.670  4.555   -8.286  1.00 22.62 ? 4   LCG A "C6'" 1 
HETATM 70  N  N9    . LCG A 1 4  ? -2.211  1.214   -7.628  1.00 19.08 ? 4   LCG A N9    1 
HETATM 71  C  C8    . LCG A 1 4  ? -1.003  1.438   -7.132  1.00 17.90 ? 4   LCG A C8    1 
HETATM 72  C  C4    . LCG A 1 4  ? -2.476  -0.105  -7.451  1.00 17.55 ? 4   LCG A C4    1 
HETATM 73  N  N7    . LCG A 1 4  ? -0.513  0.336   -6.587  1.00 19.06 ? 4   LCG A N7    1 
HETATM 74  C  C5    . LCG A 1 4  ? -1.439  -0.650  -6.835  1.00 18.52 ? 4   LCG A C5    1 
HETATM 75  C  C6    . LCG A 1 4  ? -1.405  -1.958  -6.551  1.00 19.13 ? 4   LCG A C6    1 
HETATM 76  C  "C2'" . LCG A 1 4  ? -4.320  2.514   -7.243  1.00 21.69 ? 4   LCG A "C2'" 1 
HETATM 77  O  O6    . LCG A 1 4  ? -0.514  -2.589  -5.925  1.00 20.59 ? 4   LCG A O6    1 
HETATM 78  C  "C4'" . LCG A 1 4  ? -3.299  4.321   -7.578  1.00 22.09 ? 4   LCG A "C4'" 1 
HETATM 79  C  "C1'" . LCG A 1 4  ? -3.187  2.072   -8.213  1.00 19.69 ? 4   LCG A "C1'" 1 
HETATM 80  C  C2    . LCG A 1 4  ? -3.599  -2.096  -7.536  1.00 18.11 ? 4   LCG A C2    1 
HETATM 81  N  N1    . LCG A 1 4  ? -2.511  -2.667  -6.902  1.00 17.77 ? 4   LCG A N1    1 
HETATM 82  O  "O4'" . LCG A 1 4  ? -2.600  3.398   -8.390  1.00 22.92 ? 4   LCG A "O4'" 1 
HETATM 83  O  OP2   . LCG A 1 4  ? 0.985   5.747   -6.206  1.00 24.28 ? 4   LCG A OP2   1 
HETATM 84  N  N2    . LCG A 1 4  ? -4.650  -2.877  -7.806  1.00 19.98 ? 4   LCG A N2    1 
HETATM 85  N  N3    . LCG A 1 4  ? -3.623  -0.759  -7.794  1.00 19.38 ? 4   LCG A N3    1 
HETATM 86  O  "O2'" . LCG A 1 4  ? -5.284  3.241   -8.044  1.00 21.87 ? 4   LCG A "O2'" 1 
HETATM 87  O  "O3'" . LCG A 1 4  ? -4.442  4.294   -5.497  1.00 23.66 ? 4   LCG A "O3'" 1 
ATOM   88  P  P     . A   A 1 5  ? -4.805  3.758   -4.074  1.00 24.23 ? 5   A   A P     1 
ATOM   89  O  OP1   . A   A 1 5  ? -5.651  4.840   -3.485  1.00 26.88 ? 5   A   A OP1   1 
ATOM   90  O  OP2   . A   A 1 5  ? -3.647  3.239   -3.317  1.00 23.77 ? 5   A   A OP2   1 
ATOM   91  O  "O5'" . A   A 1 5  ? -5.731  2.475   -4.346  1.00 23.42 ? 5   A   A "O5'" 1 
ATOM   92  C  "C5'" . A   A 1 5  ? -6.955  2.585   -5.079  1.00 24.82 ? 5   A   A "C5'" 1 
ATOM   93  C  "C4'" . A   A 1 5  ? -7.586  1.199   -5.159  1.00 24.67 ? 5   A   A "C4'" 1 
ATOM   94  O  "O4'" . A   A 1 5  ? -6.696  0.300   -5.868  1.00 24.32 ? 5   A   A "O4'" 1 
ATOM   95  C  "C3'" . A   A 1 5  ? -7.816  0.477   -3.845  1.00 24.58 ? 5   A   A "C3'" 1 
ATOM   96  O  "O3'" . A   A 1 5  ? -9.039  0.974   -3.318  1.00 26.35 ? 5   A   A "O3'" 1 
ATOM   97  C  "C2'" . A   A 1 5  ? -7.947  -0.964  -4.327  1.00 25.31 ? 5   A   A "C2'" 1 
ATOM   98  O  "O2'" . A   A 1 5  ? -9.207  -1.094  -4.956  1.00 28.57 ? 5   A   A "O2'" 1 
ATOM   99  C  "C1'" . A   A 1 5  ? -6.786  -1.010  -5.319  1.00 24.18 ? 5   A   A "C1'" 1 
ATOM   100 N  N9    . A   A 1 5  ? -5.518  -1.334  -4.690  1.00 23.86 ? 5   A   A N9    1 
ATOM   101 C  C8    . A   A 1 5  ? -4.423  -0.533  -4.466  1.00 21.54 ? 5   A   A C8    1 
ATOM   102 N  N7    . A   A 1 5  ? -3.426  -1.153  -3.894  1.00 22.73 ? 5   A   A N7    1 
ATOM   103 C  C5    . A   A 1 5  ? -3.858  -2.469  -3.803  1.00 20.47 ? 5   A   A C5    1 
ATOM   104 C  C6    . A   A 1 5  ? -3.250  -3.629  -3.281  1.00 21.84 ? 5   A   A C6    1 
ATOM   105 N  N6    . A   A 1 5  ? -2.034  -3.655  -2.769  1.00 23.93 ? 5   A   A N6    1 
ATOM   106 N  N1    . A   A 1 5  ? -3.972  -4.769  -3.278  1.00 22.61 ? 5   A   A N1    1 
ATOM   107 C  C2    . A   A 1 5  ? -5.210  -4.740  -3.784  1.00 19.66 ? 5   A   A C2    1 
ATOM   108 N  N3    . A   A 1 5  ? -5.894  -3.714  -4.302  1.00 22.73 ? 5   A   A N3    1 
ATOM   109 C  C4    . A   A 1 5  ? -5.147  -2.594  -4.279  1.00 21.97 ? 5   A   A C4    1 
ATOM   110 P  P     . C   A 1 6  ? -9.214  1.197   -1.716  1.00 28.47 ? 6   C   A P     1 
ATOM   111 O  OP1   . C   A 1 6  ? -10.514 1.934   -1.547  1.00 33.71 ? 6   C   A OP1   1 
ATOM   112 O  OP2   . C   A 1 6  ? -8.008  1.703   -1.115  1.00 25.27 ? 6   C   A OP2   1 
ATOM   113 O  "O5'" . C   A 1 6  ? -9.401  -0.280  -1.150  1.00 23.18 ? 6   C   A "O5'" 1 
ATOM   114 C  "C5'" . C   A 1 6  ? -10.505 -1.051  -1.609  1.00 23.79 ? 6   C   A "C5'" 1 
ATOM   115 C  "C4'" . C   A 1 6  ? -10.335 -2.512  -1.273  1.00 23.97 ? 6   C   A "C4'" 1 
ATOM   116 O  "O4'" . C   A 1 6  ? -9.202  -3.082  -1.986  1.00 24.41 ? 6   C   A "O4'" 1 
ATOM   117 C  "C3'" . C   A 1 6  ? -10.020 -2.818  0.176   1.00 22.66 ? 6   C   A "C3'" 1 
ATOM   118 O  "O3'" . C   A 1 6  ? -11.230 -2.800  0.907   1.00 23.23 ? 6   C   A "O3'" 1 
ATOM   119 C  "C2'" . C   A 1 6  ? -9.495  -4.253  0.062   1.00 21.54 ? 6   C   A "C2'" 1 
ATOM   120 O  "O2'" . C   A 1 6  ? -10.475 -5.196  -0.261  1.00 22.44 ? 6   C   A "O2'" 1 
ATOM   121 C  "C1'" . C   A 1 6  ? -8.647  -4.142  -1.203  1.00 23.79 ? 6   C   A "C1'" 1 
ATOM   122 N  N1    . C   A 1 6  ? -7.263  -3.807  -0.864  1.00 22.24 ? 6   C   A N1    1 
ATOM   123 C  C2    . C   A 1 6  ? -6.427  -4.852  -0.445  1.00 20.27 ? 6   C   A C2    1 
ATOM   124 O  O2    . C   A 1 6  ? -6.903  -5.986  -0.341  1.00 24.51 ? 6   C   A O2    1 
ATOM   125 N  N3    . C   A 1 6  ? -5.150  -4.575  -0.101  1.00 23.57 ? 6   C   A N3    1 
ATOM   126 C  C4    . C   A 1 6  ? -4.683  -3.334  -0.228  1.00 21.99 ? 6   C   A C4    1 
ATOM   127 N  N4    . C   A 1 6  ? -3.422  -3.113  0.090   1.00 27.78 ? 6   C   A N4    1 
ATOM   128 C  C5    . C   A 1 6  ? -5.518  -2.250  -0.625  1.00 22.69 ? 6   C   A C5    1 
ATOM   129 C  C6    . C   A 1 6  ? -6.790  -2.532  -0.931  1.00 20.64 ? 6   C   A C6    1 
ATOM   130 P  P     . U   A 1 7  ? -11.219 -2.444  2.501   1.00 25.24 ? 7   U   A P     1 
ATOM   131 O  OP1   . U   A 1 7  ? -12.658 -2.375  2.895   1.00 27.03 ? 7   U   A OP1   1 
ATOM   132 O  OP2   . U   A 1 7  ? -10.308 -1.319  2.732   1.00 25.39 ? 7   U   A OP2   1 
ATOM   133 O  "O5'" . U   A 1 7  ? -10.520 -3.700  3.215   1.00 24.27 ? 7   U   A "O5'" 1 
ATOM   134 C  "C5'" . U   A 1 7  ? -11.264 -4.907  3.365   1.00 24.20 ? 7   U   A "C5'" 1 
ATOM   135 C  "C4'" . U   A 1 7  ? -10.387 -6.027  3.838   1.00 23.08 ? 7   U   A "C4'" 1 
ATOM   136 O  "O4'" . U   A 1 7  ? -9.273  -6.283  2.920   1.00 23.27 ? 7   U   A "O4'" 1 
ATOM   137 C  "C3'" . U   A 1 7  ? -9.670  -5.813  5.163   1.00 23.74 ? 7   U   A "C3'" 1 
ATOM   138 O  "O3'" . U   A 1 7  ? -10.585 -5.961  6.227   1.00 24.74 ? 7   U   A "O3'" 1 
ATOM   139 C  "C2'" . U   A 1 7  ? -8.686  -6.963  5.099   1.00 23.01 ? 7   U   A "C2'" 1 
ATOM   140 O  "O2'" . U   A 1 7  ? -9.432  -8.147  5.233   1.00 24.23 ? 7   U   A "O2'" 1 
ATOM   141 C  "C1'" . U   A 1 7  ? -8.162  -6.782  3.679   1.00 21.26 ? 7   U   A "C1'" 1 
ATOM   142 N  N1    . U   A 1 7  ? -7.038  -5.844  3.595   1.00 21.36 ? 7   U   A N1    1 
ATOM   143 C  C2    . U   A 1 7  ? -5.779  -6.329  3.930   1.00 20.80 ? 7   U   A C2    1 
ATOM   144 O  O2    . U   A 1 7  ? -5.599  -7.439  4.390   1.00 22.91 ? 7   U   A O2    1 
ATOM   145 N  N3    . U   A 1 7  ? -4.750  -5.438  3.769   1.00 22.83 ? 7   U   A N3    1 
ATOM   146 C  C4    . U   A 1 7  ? -4.833  -4.153  3.295   1.00 24.18 ? 7   U   A C4    1 
ATOM   147 O  O4    . U   A 1 7  ? -3.806  -3.485  3.192   1.00 26.68 ? 7   U   A O4    1 
ATOM   148 C  C5    . U   A 1 7  ? -6.161  -3.724  2.960   1.00 25.82 ? 7   U   A C5    1 
ATOM   149 C  C6    . U   A 1 7  ? -7.193  -4.561  3.130   1.00 22.95 ? 7   U   A C6    1 
ATOM   150 P  P     . U   A 1 8  ? -10.315 -5.281  7.688   1.00 26.25 ? 8   U   A P     1 
ATOM   151 O  OP1   . U   A 1 8  ? -11.548 -5.533  8.461   1.00 27.45 ? 8   U   A OP1   1 
ATOM   152 O  OP2   . U   A 1 8  ? -9.843  -3.916  7.531   1.00 28.43 ? 8   U   A OP2   1 
ATOM   153 O  "O5'" . U   A 1 8  ? -9.080  -6.097  8.255   1.00 27.13 ? 8   U   A "O5'" 1 
ATOM   154 C  "C5'" . U   A 1 8  ? -9.213  -7.463  8.650   1.00 26.28 ? 8   U   A "C5'" 1 
ATOM   155 C  "C4'" . U   A 1 8  ? -7.864  -8.054  8.956   1.00 29.50 ? 8   U   A "C4'" 1 
ATOM   156 O  "O4'" . U   A 1 8  ? -6.963  -7.990  7.814   1.00 28.74 ? 8   U   A "O4'" 1 
ATOM   157 C  "C3'" . U   A 1 8  ? -7.068  -7.364  10.049  1.00 30.88 ? 8   U   A "C3'" 1 
ATOM   158 O  "O3'" . U   A 1 8  ? -7.593  -7.710  11.320  1.00 36.77 ? 8   U   A "O3'" 1 
ATOM   159 C  "C2'" . U   A 1 8  ? -5.687  -7.923  9.789   1.00 27.85 ? 8   U   A "C2'" 1 
ATOM   160 O  "O2'" . U   A 1 8  ? -5.579  -9.272  10.181  1.00 32.89 ? 8   U   A "O2'" 1 
ATOM   161 C  "C1'" . U   A 1 8  ? -5.629  -7.806  8.270   1.00 29.67 ? 8   U   A "C1'" 1 
ATOM   162 N  N1    . U   A 1 8  ? -5.151  -6.497  7.811   1.00 25.57 ? 8   U   A N1    1 
ATOM   163 C  C2    . U   A 1 8  ? -3.784  -6.285  7.814   1.00 23.36 ? 8   U   A C2    1 
ATOM   164 O  O2    . U   A 1 8  ? -2.990  -7.112  8.228   1.00 26.11 ? 8   U   A O2    1 
ATOM   165 N  N3    . U   A 1 8  ? -3.390  -5.050  7.351   1.00 22.07 ? 8   U   A N3    1 
ATOM   166 C  C4    . U   A 1 8  ? -4.197  -4.040  6.894   1.00 23.99 ? 8   U   A C4    1 
ATOM   167 O  O4    . U   A 1 8  ? -3.685  -2.997  6.472   1.00 26.98 ? 8   U   A O4    1 
ATOM   168 C  C5    . U   A 1 8  ? -5.598  -4.335  6.930   1.00 24.02 ? 8   U   A C5    1 
ATOM   169 C  C6    . U   A 1 8  ? -6.013  -5.517  7.402   1.00 22.53 ? 8   U   A C6    1 
ATOM   170 P  P     . A   A 1 9  ? -7.453  -6.653  12.531  1.00 32.66 ? 9   A   A P     1 
ATOM   171 O  OP1   . A   A 1 9  ? -8.171  -7.251  13.697  1.00 39.50 ? 9   A   A OP1   1 
ATOM   172 O  OP2   . A   A 1 9  ? -7.761  -5.318  12.057  1.00 29.55 ? 9   A   A OP2   1 
ATOM   173 O  "O5'" . A   A 1 9  ? -5.895  -6.698  12.845  1.00 31.00 ? 9   A   A "O5'" 1 
ATOM   174 C  "C5'" . A   A 1 9  ? -5.308  -7.902  13.315  1.00 31.82 ? 9   A   A "C5'" 1 
ATOM   175 C  "C4'" . A   A 1 9  ? -3.822  -7.736  13.441  1.00 31.73 ? 9   A   A "C4'" 1 
ATOM   176 O  "O4'" . A   A 1 9  ? -3.246  -7.500  12.123  1.00 31.99 ? 9   A   A "O4'" 1 
ATOM   177 C  "C3'" . A   A 1 9  ? -3.317  -6.555  14.271  1.00 29.71 ? 9   A   A "C3'" 1 
ATOM   178 O  "O3'" . A   A 1 9  ? -3.357  -6.768  15.674  1.00 35.52 ? 9   A   A "O3'" 1 
ATOM   179 C  "C2'" . A   A 1 9  ? -1.896  -6.438  13.755  1.00 29.71 ? 9   A   A "C2'" 1 
ATOM   180 O  "O2'" . A   A 1 9  ? -1.087  -7.519  14.191  1.00 32.90 ? 9   A   A "O2'" 1 
ATOM   181 C  "C1'" . A   A 1 9  ? -2.136  -6.611  12.257  1.00 29.79 ? 9   A   A "C1'" 1 
ATOM   182 N  N9    . A   A 1 9  ? -2.467  -5.382  11.547  1.00 25.81 ? 9   A   A N9    1 
ATOM   183 C  C8    . A   A 1 9  ? -3.687  -4.940  11.120  1.00 22.93 ? 9   A   A C8    1 
ATOM   184 N  N7    . A   A 1 9  ? -3.640  -3.826  10.442  1.00 25.13 ? 9   A   A N7    1 
ATOM   185 C  C5    . A   A 1 9  ? -2.292  -3.510  10.418  1.00 23.05 ? 9   A   A C5    1 
ATOM   186 C  C6    . A   A 1 9  ? -1.587  -2.450  9.841   1.00 23.94 ? 9   A   A C6    1 
ATOM   187 N  N6    . A   A 1 9  ? -2.163  -1.474  9.148   1.00 26.21 ? 9   A   A N6    1 
ATOM   188 N  N1    . A   A 1 9  ? -0.253  -2.413  10.024  1.00 25.55 ? 9   A   A N1    1 
ATOM   189 C  C2    . A   A 1 9  ? 0.326   -3.396  10.732  1.00 22.40 ? 9   A   A C2    1 
ATOM   190 N  N3    . A   A 1 9  ? -0.231  -4.465  11.299  1.00 27.59 ? 9   A   A N3    1 
ATOM   191 C  C4    . A   A 1 9  ? -1.560  -4.448  11.120  1.00 24.67 ? 9   A   A C4    1 
ATOM   192 P  P     . A   A 1 10 ? -3.594  -5.521  16.653  1.00 35.33 ? 10  A   A P     1 
ATOM   193 O  OP1   . A   A 1 10 ? -3.878  -6.089  18.012  1.00 41.19 ? 10  A   A OP1   1 
ATOM   194 O  OP2   . A   A 1 10 ? -4.537  -4.559  16.097  1.00 36.49 ? 10  A   A OP2   1 
ATOM   195 O  "O5'" . A   A 1 10 ? -2.210  -4.756  16.595  1.00 31.80 ? 10  A   A "O5'" 1 
ATOM   196 C  "C5'" . A   A 1 10 ? -1.039  -5.411  17.056  1.00 33.15 ? 10  A   A "C5'" 1 
ATOM   197 C  "C4'" . A   A 1 10 ? 0.161   -4.551  16.818  1.00 32.89 ? 10  A   A "C4'" 1 
ATOM   198 O  "O4'" . A   A 1 10 ? 0.378   -4.394  15.391  1.00 34.13 ? 10  A   A "O4'" 1 
ATOM   199 C  "C3'" . A   A 1 10 ? 0.087   -3.119  17.327  1.00 31.36 ? 10  A   A "C3'" 1 
ATOM   200 O  "O3'" . A   A 1 10 ? 0.301   -3.046  18.749  1.00 36.05 ? 10  A   A "O3'" 1 
ATOM   201 C  "C2'" . A   A 1 10 ? 1.186   -2.471  16.503  1.00 33.82 ? 10  A   A "C2'" 1 
ATOM   202 O  "O2'" . A   A 1 10 ? 2.444   -2.930  16.938  1.00 32.20 ? 10  A   A "O2'" 1 
ATOM   203 C  "C1'" . A   A 1 10 ? 0.955   -3.118  15.135  1.00 30.83 ? 10  A   A "C1'" 1 
ATOM   204 N  N9    . A   A 1 10 ? 0.015   -2.366  14.328  1.00 26.92 ? 10  A   A N9    1 
ATOM   205 C  C8    . A   A 1 10 ? -1.337  -2.545  14.209  1.00 26.03 ? 10  A   A C8    1 
ATOM   206 N  N7    . A   A 1 10 ? -1.917  -1.659  13.438  1.00 26.49 ? 10  A   A N7    1 
ATOM   207 C  C5    . A   A 1 10 ? -0.869  -0.865  12.999  1.00 23.69 ? 10  A   A C5    1 
ATOM   208 C  C6    . A   A 1 10 ? -0.824  0.245   12.145  1.00 23.58 ? 10  A   A C6    1 
ATOM   209 N  N6    . A   A 1 10 ? -1.895  0.743   11.527  1.00 26.53 ? 10  A   A N6    1 
ATOM   210 N  N1    . A   A 1 10 ? 0.371   0.839   11.952  1.00 22.34 ? 10  A   A N1    1 
ATOM   211 C  C2    . A   A 1 10 ? 1.429   0.357   12.591  1.00 22.19 ? 10  A   A C2    1 
ATOM   212 N  N3    . A   A 1 10 ? 1.512   -0.672  13.429  1.00 23.58 ? 10  A   A N3    1 
ATOM   213 C  C4    . A   A 1 10 ? 0.311   -1.245  13.591  1.00 24.39 ? 10  A   A C4    1 
ATOM   214 P  P     . G   A 1 11 ? -0.367  -1.857  19.580  1.00 37.06 ? 11  G   A P     1 
ATOM   215 O  OP1   . G   A 1 11 ? -0.064  -2.097  21.031  1.00 43.41 ? 11  G   A OP1   1 
ATOM   216 O  OP2   . G   A 1 11 ? -1.738  -1.603  19.146  1.00 35.78 ? 11  G   A OP2   1 
ATOM   217 O  "O5'" . G   A 1 11 ? 0.415   -0.546  19.123  1.00 29.57 ? 11  G   A "O5'" 1 
ATOM   218 C  "C5'" . G   A 1 11 ? 1.814   -0.449  19.393  1.00 32.36 ? 11  G   A "C5'" 1 
ATOM   219 C  "C4'" . G   A 1 11 ? 2.431   0.726   18.673  1.00 31.18 ? 11  G   A "C4'" 1 
ATOM   220 O  "O4'" . G   A 1 11 ? 2.321   0.551   17.239  1.00 33.39 ? 11  G   A "O4'" 1 
ATOM   221 C  "C3'" . G   A 1 11 ? 1.749   2.075   18.894  1.00 29.03 ? 11  G   A "C3'" 1 
ATOM   222 O  "O3'" . G   A 1 11 ? 2.095   2.594   20.164  1.00 28.58 ? 11  G   A "O3'" 1 
ATOM   223 C  "C2'" . G   A 1 11 ? 2.340   2.856   17.748  1.00 25.65 ? 11  G   A "C2'" 1 
ATOM   224 O  "O2'" . G   A 1 11 ? 3.690   3.159   17.873  1.00 27.29 ? 11  G   A "O2'" 1 
ATOM   225 C  "C1'" . G   A 1 11 ? 2.219   1.839   16.627  1.00 28.64 ? 11  G   A "C1'" 1 
ATOM   226 N  N9    . G   A 1 11 ? 0.930   1.943   15.974  1.00 24.72 ? 11  G   A N9    1 
ATOM   227 C  C8    . G   A 1 11 ? -0.197  1.189   16.153  1.00 23.35 ? 11  G   A C8    1 
ATOM   228 N  N7    . G   A 1 11 ? -1.179  1.541   15.371  1.00 25.89 ? 11  G   A N7    1 
ATOM   229 C  C5    . G   A 1 11 ? -0.681  2.632   14.670  1.00 22.80 ? 11  G   A C5    1 
ATOM   230 C  C6    . G   A 1 11 ? -1.293  3.446   13.674  1.00 23.97 ? 11  G   A C6    1 
ATOM   231 O  O6    . G   A 1 11 ? -2.435  3.376   13.215  1.00 25.25 ? 11  G   A O6    1 
ATOM   232 N  N1    . G   A 1 11 ? -0.435  4.437   13.235  1.00 23.36 ? 11  G   A N1    1 
ATOM   233 C  C2    . G   A 1 11 ? 0.850   4.616   13.665  1.00 23.94 ? 11  G   A C2    1 
ATOM   234 N  N2    . G   A 1 11 ? 1.521   5.621   13.113  1.00 28.20 ? 11  G   A N2    1 
ATOM   235 N  N3    . G   A 1 11 ? 1.447   3.840   14.563  1.00 25.79 ? 11  G   A N3    1 
ATOM   236 C  C4    . G   A 1 11 ? 0.619   2.887   15.024  1.00 23.73 ? 11  G   A C4    1 
ATOM   237 P  P     . U   A 1 12 ? 1.043   3.494   20.985  1.00 26.92 ? 12  U   A P     1 
ATOM   238 O  OP1   . U   A 1 12 ? 1.636   3.662   22.317  1.00 31.08 ? 12  U   A OP1   1 
ATOM   239 O  OP2   . U   A 1 12 ? -0.336  3.031   20.785  1.00 29.35 ? 12  U   A OP2   1 
ATOM   240 O  "O5'" . U   A 1 12 ? 1.047   4.865   20.185  1.00 24.30 ? 12  U   A "O5'" 1 
ATOM   241 C  "C5'" . U   A 1 12 ? 2.285   5.574   20.097  1.00 24.00 ? 12  U   A "C5'" 1 
ATOM   242 C  "C4'" . U   A 1 12 ? 2.171   6.716   19.120  1.00 21.46 ? 12  U   A "C4'" 1 
ATOM   243 O  "O4'" . U   A 1 12 ? 1.893   6.229   17.779  1.00 22.97 ? 12  U   A "O4'" 1 
ATOM   244 C  "C3'" . U   A 1 12 ? 1.027   7.677   19.389  1.00 19.70 ? 12  U   A "C3'" 1 
ATOM   245 O  "O3'" . U   A 1 12 ? 1.337   8.627   20.418  1.00 19.49 ? 12  U   A "O3'" 1 
ATOM   246 C  "C2'" . U   A 1 12 ? 0.860   8.350   18.037  1.00 18.04 ? 12  U   A "C2'" 1 
ATOM   247 O  "O2'" . U   A 1 12 ? 1.839   9.326   17.790  1.00 20.26 ? 12  U   A "O2'" 1 
ATOM   248 C  "C1'" . U   A 1 12 ? 1.107   7.171   17.084  1.00 20.41 ? 12  U   A "C1'" 1 
ATOM   249 N  N1    . U   A 1 12 ? -0.155  6.504   16.712  1.00 21.18 ? 12  U   A N1    1 
ATOM   250 C  C2    . U   A 1 12 ? -0.889  7.103   15.712  1.00 19.41 ? 12  U   A C2    1 
ATOM   251 O  O2    . U   A 1 12 ? -0.502  8.080   15.118  1.00 22.44 ? 12  U   A O2    1 
ATOM   252 N  N3    . U   A 1 12 ? -2.074  6.479   15.421  1.00 20.09 ? 12  U   A N3    1 
ATOM   253 C  C4    . U   A 1 12 ? -2.571  5.340   15.986  1.00 22.18 ? 12  U   A C4    1 
ATOM   254 O  O4    . U   A 1 12 ? -3.638  4.884   15.582  1.00 27.32 ? 12  U   A O4    1 
ATOM   255 C  C5    . U   A 1 12 ? -1.800  4.834   17.077  1.00 25.74 ? 12  U   A C5    1 
ATOM   256 C  C6    . U   A 1 12 ? -0.637  5.416   17.383  1.00 21.44 ? 12  U   A C6    1 
ATOM   257 P  P     . C   A 1 13 ? 0.217   9.146   21.316  1.00 21.70 ? 13  C   A P     1 
ATOM   258 O  OP1   . C   A 1 13 ? 0.854   10.047  22.350  1.00 23.91 ? 13  C   A OP1   1 
ATOM   259 O  OP2   . C   A 1 13 ? -0.672  8.037   21.780  1.00 21.87 ? 13  C   A OP2   1 
ATOM   260 O  "O5'" . C   A 1 13 ? -0.641  10.034  20.318  1.00 18.94 ? 13  C   A "O5'" 1 
ATOM   261 C  "C5'" . C   A 1 13 ? -0.121  11.257  19.764  1.00 20.40 ? 13  C   A "C5'" 1 
ATOM   262 C  "C4'" . C   A 1 13 ? -1.252  11.955  19.053  1.00 19.49 ? 13  C   A "C4'" 1 
ATOM   263 O  "O4'" . C   A 1 13 ? -1.666  11.078  17.993  1.00 21.67 ? 13  C   A "O4'" 1 
ATOM   264 C  "C3'" . C   A 1 13 ? -2.499  12.139  19.896  1.00 18.46 ? 13  C   A "C3'" 1 
ATOM   265 O  "O3'" . C   A 1 13 ? -2.382  13.333  20.709  1.00 21.13 ? 13  C   A "O3'" 1 
ATOM   266 C  "C2'" . C   A 1 13 ? -3.647  12.102  18.885  1.00 18.84 ? 13  C   A "C2'" 1 
ATOM   267 O  "O2'" . C   A 1 13 ? -4.055  13.431  18.621  1.00 20.73 ? 13  C   A "O2'" 1 
ATOM   268 C  "C1'" . C   A 1 13 ? -3.005  11.394  17.658  1.00 21.68 ? 13  C   A "C1'" 1 
ATOM   269 N  N1    . C   A 1 13 ? -3.690  10.146  17.322  1.00 20.33 ? 13  C   A N1    1 
ATOM   270 C  C2    . C   A 1 13 ? -4.591  10.158  16.255  1.00 18.65 ? 13  C   A C2    1 
ATOM   271 O  O2    . C   A 1 13 ? -4.720  11.212  15.579  1.00 19.80 ? 13  C   A O2    1 
ATOM   272 N  N3    . C   A 1 13 ? -5.379  9.073   16.052  1.00 18.65 ? 13  C   A N3    1 
ATOM   273 C  C4    . C   A 1 13 ? -5.202  7.968   16.791  1.00 20.20 ? 13  C   A C4    1 
ATOM   274 N  N4    . C   A 1 13 ? -5.963  6.911   16.524  1.00 22.16 ? 13  C   A N4    1 
ATOM   275 C  C5    . C   A 1 13 ? -4.265  7.917   17.858  1.00 18.65 ? 13  C   A C5    1 
ATOM   276 C  C6    . C   A 1 13 ? -3.517  9.011   18.073  1.00 19.38 ? 13  C   A C6    1 
HETATM 277 O  O1    . 8OS B 2 .  ? 11.093  -0.059  -15.898 1.00 18.80 ? 101 8OS A O1    1 
HETATM 278 C  C1    . 8OS B 2 .  ? 10.170  -0.951  -16.071 1.00 17.61 ? 101 8OS A C1    1 
HETATM 279 N  N1    . 8OS B 2 .  ? 9.169   -0.613  -16.948 1.00 16.42 ? 101 8OS A N1    1 
HETATM 280 C  C2    . 8OS B 2 .  ? 8.144   -1.416  -17.182 1.00 17.45 ? 101 8OS A C2    1 
HETATM 281 N  N2    . 8OS B 2 .  ? 7.222   -0.967  -18.038 1.00 15.63 ? 101 8OS A N2    1 
HETATM 282 N  N3    . 8OS B 2 .  ? 8.054   -2.589  -16.531 1.00 17.19 ? 101 8OS A N3    1 
HETATM 283 C  C3    . 8OS B 2 .  ? 9.039   -2.958  -15.675 1.00 17.54 ? 101 8OS A C3    1 
HETATM 284 C  C4    . 8OS B 2 .  ? 10.116  -2.135  -15.459 1.00 16.96 ? 101 8OS A C4    1 
HETATM 285 N  N4    . 8OS B 2 .  ? 10.904  -2.775  -14.545 1.00 19.68 ? 101 8OS A N4    1 
HETATM 286 C  C5    . 8OS B 2 .  ? 10.333  -3.940  -14.242 1.00 19.59 ? 101 8OS A C5    1 
HETATM 287 N  N5    . 8OS B 2 .  ? 9.166   -4.054  -14.951 1.00 18.47 ? 101 8OS A N5    1 
HETATM 288 C  C6    . 8OS B 2 .  ? 8.112   -5.117  -14.950 1.00 19.36 ? 101 8OS A C6    1 
HETATM 289 O  O2    . 8OS B 2 .  ? 8.178   -5.605  -13.578 1.00 21.58 ? 101 8OS A O2    1 
HETATM 290 C  C7    . 8OS B 2 .  ? 8.358   -6.279  -15.883 1.00 21.55 ? 101 8OS A C7    1 
HETATM 291 O  O3    . 8OS B 2 .  ? 7.068   -6.838  -16.088 1.00 23.75 ? 101 8OS A O3    1 
HETATM 292 C  C8    . 8OS B 2 .  ? 9.148   -7.149  -14.937 1.00 24.76 ? 101 8OS A C8    1 
HETATM 293 O  O4    . 8OS B 2 .  ? 9.155   -8.554  -15.430 1.00 26.08 ? 101 8OS A O4    1 
HETATM 294 C  C9    . 8OS B 2 .  ? 8.402   -7.004  -13.639 1.00 21.49 ? 101 8OS A C9    1 
HETATM 295 C  C10   . 8OS B 2 .  ? 9.251   -7.451  -12.409 1.00 26.78 ? 101 8OS A C10   1 
HETATM 296 O  O5    . 8OS B 2 .  ? 10.370  -6.553  -12.395 1.00 32.17 ? 101 8OS A O5    1 
HETATM 297 P  P1    . 8OS B 2 .  ? 11.698  -6.773  -11.387 1.00 36.28 ? 101 8OS A P1    1 
HETATM 298 O  O6    . 8OS B 2 .  ? 11.065  -6.490  -9.849  1.00 44.30 ? 101 8OS A O6    1 
HETATM 299 O  O7    . 8OS B 2 .  ? 12.593  -5.580  -11.461 1.00 33.80 ? 101 8OS A O7    1 
HETATM 300 C  C11   . 8OS B 2 .  ? 12.304  -8.448  -11.551 1.00 52.13 ? 101 8OS A C11   1 
HETATM 301 N  N6    . 8OS B 2 .  ? 13.415  -8.729  -12.241 1.00 71.90 ? 101 8OS A N6    1 
HETATM 302 C  C12   . 8OS B 2 .  ? 13.600  -10.050 -12.177 1.00 73.10 ? 101 8OS A C12   1 
HETATM 303 N  N7    . 8OS B 2 .  ? 12.611  -10.594 -11.459 1.00 74.22 ? 101 8OS A N7    1 
HETATM 304 C  C13   . 8OS B 2 .  ? 11.814  -9.610  -11.063 1.00 66.42 ? 101 8OS A C13   1 
HETATM 305 C  C14   . 8OS B 2 .  ? 10.558  -9.888  -10.210 1.00 66.06 ? 101 8OS A C14   1 
HETATM 306 O  O1    . 8OS C 2 .  ? 4.363   -2.214  -15.079 1.00 18.94 ? 102 8OS A O1    1 
HETATM 307 C  C1    . 8OS C 2 .  ? 4.164   -1.069  -15.596 1.00 18.44 ? 102 8OS A C1    1 
HETATM 308 N  N1    . 8OS C 2 .  ? 5.209   -0.153  -15.452 1.00 18.68 ? 102 8OS A N1    1 
HETATM 309 C  C2    . 8OS C 2 .  ? 5.120   1.121   -15.999 1.00 21.55 ? 102 8OS A C2    1 
HETATM 310 N  N2    . 8OS C 2 .  ? 6.135   1.933   -15.715 1.00 22.89 ? 102 8OS A N2    1 
HETATM 311 N  N3    . 8OS C 2 .  ? 4.072   1.497   -16.731 1.00 19.60 ? 102 8OS A N3    1 
HETATM 312 C  C3    . 8OS C 2 .  ? 3.084   0.573   -16.948 1.00 19.56 ? 102 8OS A C3    1 
HETATM 313 C  C4    . 8OS C 2 .  ? 3.133   -0.691  -16.385 1.00 19.63 ? 102 8OS A C4    1 
HETATM 314 N  N4    . 8OS C 2 .  ? 2.019   -1.338  -16.770 1.00 21.76 ? 102 8OS A N4    1 
HETATM 315 C  C5    . 8OS C 2 .  ? 1.276   -0.530  -17.489 1.00 19.32 ? 102 8OS A C5    1 
HETATM 316 N  N5    . 8OS C 2 .  ? 1.929   0.681   -17.588 1.00 21.64 ? 102 8OS A N5    1 
HETATM 317 C  C6    . 8OS C 2 .  ? 1.529   1.937   -18.259 1.00 21.36 ? 102 8OS A C6    1 
HETATM 318 O  O2    . 8OS C 2 .  ? 0.117   1.720   -18.738 1.00 23.50 ? 102 8OS A O2    1 
HETATM 319 C  C7    . 8OS C 2 .  ? 2.332   2.151   -19.491 1.00 23.28 ? 102 8OS A C7    1 
HETATM 320 O  O3    . 8OS C 2 .  ? 2.371   3.628   -19.724 1.00 25.63 ? 102 8OS A O3    1 
HETATM 321 C  C8    . 8OS C 2 .  ? 1.497   1.416   -20.516 1.00 25.25 ? 102 8OS A C8    1 
HETATM 322 O  O4    . 8OS C 2 .  ? 1.725   1.875   -21.838 1.00 26.87 ? 102 8OS A O4    1 
HETATM 323 C  C9    . 8OS C 2 .  ? 0.109   1.714   -20.118 1.00 25.56 ? 102 8OS A C9    1 
HETATM 324 C  C10   . 8OS C 2 .  ? -0.881  0.614   -20.632 1.00 27.47 ? 102 8OS A C10   1 
HETATM 325 O  O5    . 8OS C 2 .  ? -2.090  1.152   -20.192 1.00 32.98 ? 102 8OS A O5    1 
HETATM 326 P  P1    . 8OS C 2 .  ? -3.509  0.817   -21.034 1.00 39.31 ? 102 8OS A P1    1 
HETATM 327 O  O6    . 8OS C 2 .  ? -4.530  1.683   -20.390 1.00 37.60 ? 102 8OS A O6    1 
HETATM 328 O  O7    . 8OS C 2 .  ? -3.178  1.077   -22.562 1.00 43.45 ? 102 8OS A O7    1 
HETATM 329 C  C11   . 8OS C 2 .  ? -3.746  -0.927  -20.746 1.00 43.95 ? 102 8OS A C11   1 
HETATM 330 N  N6    . 8OS C 2 .  ? -3.837  -1.399  -19.473 1.00 51.30 ? 102 8OS A N6    1 
HETATM 331 C  C12   . 8OS C 2 .  ? -4.055  -2.708  -19.586 1.00 51.87 ? 102 8OS A C12   1 
HETATM 332 N  N7    . 8OS C 2 .  ? -4.107  -3.021  -20.912 1.00 53.16 ? 102 8OS A N7    1 
HETATM 333 C  C13   . 8OS C 2 .  ? -3.943  -1.898  -21.635 1.00 49.82 ? 102 8OS A C13   1 
HETATM 334 C  C14   . 8OS C 2 .  ? -3.923  -1.807  -23.192 1.00 49.18 ? 102 8OS A C14   1 
HETATM 335 MG MG    . MG  D 3 .  ? 11.149  5.818   -6.851  0.33 19.38 ? 103 MG  A MG    1 
HETATM 336 O  O     . HOH E 4 .  ? 4.289   4.542   -21.185 1.00 39.13 ? 201 HOH A O     1 
HETATM 337 O  O     . HOH E 4 .  ? 3.731   4.344   23.685  1.00 30.13 ? 202 HOH A O     1 
HETATM 338 O  O     . HOH E 4 .  ? -2.487  6.582   20.483  1.00 31.62 ? 203 HOH A O     1 
HETATM 339 O  O     . HOH E 4 .  ? 5.727   9.340   -8.454  1.00 35.76 ? 204 HOH A O     1 
HETATM 340 O  O     . HOH E 4 .  ? -3.190  0.997   -11.620 1.00 24.49 ? 205 HOH A O     1 
HETATM 341 O  O     . HOH E 4 .  ? -11.759 -9.171  6.147   1.00 29.93 ? 206 HOH A O     1 
HETATM 342 O  O     . HOH E 4 .  ? 6.664   -8.964  -17.711 1.00 29.95 ? 207 HOH A O     1 
HETATM 343 O  O     . HOH E 4 .  ? 7.320   4.816   -5.350  1.00 32.03 ? 208 HOH A O     1 
HETATM 344 O  O     . HOH E 4 .  ? -14.671 -4.201  3.211   0.33 29.92 ? 209 HOH A O     1 
HETATM 345 O  O     . HOH E 4 .  ? 6.560   1.999   -7.483  1.00 23.94 ? 210 HOH A O     1 
HETATM 346 O  O     . HOH E 4 .  ? 9.701   3.055   -15.535 1.00 22.79 ? 211 HOH A O     1 
HETATM 347 O  O     . HOH E 4 .  ? 9.756   -0.997  -8.121  1.00 26.01 ? 212 HOH A O     1 
HETATM 348 O  O     . HOH E 4 .  ? -13.197 -5.270  0.314   0.33 26.66 ? 213 HOH A O     1 
HETATM 349 O  O     . HOH E 4 .  ? -2.378  15.652  18.818  0.33 25.54 ? 214 HOH A O     1 
HETATM 350 O  O     . HOH E 4 .  ? 1.617   0.210   -4.763  1.00 41.87 ? 215 HOH A O     1 
HETATM 351 O  O     . HOH E 4 .  ? 3.045   3.464   -6.090  1.00 34.46 ? 216 HOH A O     1 
HETATM 352 O  O     . HOH E 4 .  ? 14.866  -5.050  -9.889  1.00 33.15 ? 217 HOH A O     1 
HETATM 353 O  O     . HOH E 4 .  ? 0.575   7.207   24.166  1.00 38.27 ? 218 HOH A O     1 
HETATM 354 O  O     . HOH E 4 .  ? 10.906  4.665   -4.973  1.00 20.89 ? 219 HOH A O     1 
HETATM 355 O  O     . HOH E 4 .  ? 12.613  -2.806  -12.125 1.00 25.71 ? 220 HOH A O     1 
HETATM 356 O  O     . HOH E 4 .  ? 9.296   2.508   -5.111  1.00 24.23 ? 221 HOH A O     1 
HETATM 357 O  O     . HOH E 4 .  ? -2.791  13.022  14.471  1.00 35.50 ? 222 HOH A O     1 
HETATM 358 O  O     . HOH E 4 .  ? -13.984 -0.389  4.509   1.00 42.41 ? 223 HOH A O     1 
HETATM 359 O  O     . HOH E 4 .  ? 5.009   -3.068  -9.513  1.00 23.49 ? 224 HOH A O     1 
HETATM 360 O  O     . HOH E 4 .  ? 0.803   -1.971  -3.361  1.00 48.83 ? 225 HOH A O     1 
HETATM 361 O  O     . HOH E 4 .  ? -5.414  4.641   18.482  1.00 33.79 ? 226 HOH A O     1 
HETATM 362 O  O     . HOH E 4 .  ? 14.989  -2.599  -8.671  1.00 28.40 ? 227 HOH A O     1 
HETATM 363 O  O     . HOH E 4 .  ? 5.419   -5.450  -11.306 0.50 30.87 ? 228 HOH A O     1 
HETATM 364 O  O     . HOH E 4 .  ? -1.033  14.675  16.265  0.33 30.25 ? 229 HOH A O     1 
HETATM 365 O  O     . HOH E 4 .  ? 4.526   -9.564  -14.339 1.00 39.31 ? 230 HOH A O     1 
HETATM 366 O  O     . HOH E 4 .  ? 6.061   -0.044  -5.770  1.00 35.10 ? 231 HOH A O     1 
# 
loop_
_pdbx_poly_seq_scheme.asym_id 
_pdbx_poly_seq_scheme.entity_id 
_pdbx_poly_seq_scheme.seq_id 
_pdbx_poly_seq_scheme.mon_id 
_pdbx_poly_seq_scheme.ndb_seq_num 
_pdbx_poly_seq_scheme.pdb_seq_num 
_pdbx_poly_seq_scheme.auth_seq_num 
_pdbx_poly_seq_scheme.pdb_mon_id 
_pdbx_poly_seq_scheme.auth_mon_id 
_pdbx_poly_seq_scheme.pdb_strand_id 
_pdbx_poly_seq_scheme.pdb_ins_code 
_pdbx_poly_seq_scheme.hetero 
A 1 1  LCC 1  1  1  LCC LCC A . n 
A 1 2  LCC 2  2  2  LCC LCC A . n 
A 1 3  LCC 3  3  3  LCC LCC A . n 
A 1 4  LCG 4  4  4  LCG LCG A . n 
A 1 5  A   5  5  5  A   A   A . n 
A 1 6  C   6  6  6  C   C   A . n 
A 1 7  U   7  7  7  U   U   A . n 
A 1 8  U   8  8  8  U   U   A . n 
A 1 9  A   9  9  9  A   A   A . n 
A 1 10 A   10 10 10 A   A   A . n 
A 1 11 G   11 11 11 G   G   A . n 
A 1 12 U   12 12 12 U   U   A . n 
A 1 13 C   13 13 13 C   C   A . n 
# 
loop_
_pdbx_nonpoly_scheme.asym_id 
_pdbx_nonpoly_scheme.entity_id 
_pdbx_nonpoly_scheme.mon_id 
_pdbx_nonpoly_scheme.ndb_seq_num 
_pdbx_nonpoly_scheme.pdb_seq_num 
_pdbx_nonpoly_scheme.auth_seq_num 
_pdbx_nonpoly_scheme.pdb_mon_id 
_pdbx_nonpoly_scheme.auth_mon_id 
_pdbx_nonpoly_scheme.pdb_strand_id 
_pdbx_nonpoly_scheme.pdb_ins_code 
B 2 8OS 1  101 1  8OS rG  A . 
C 2 8OS 1  102 2  8OS rG  A . 
D 3 MG  1  103 1  MG  MG  A . 
E 4 HOH 1  201 24 HOH HOH A . 
E 4 HOH 2  202 8  HOH HOH A . 
E 4 HOH 3  203 22 HOH HOH A . 
E 4 HOH 4  204 25 HOH HOH A . 
E 4 HOH 5  205 7  HOH HOH A . 
E 4 HOH 6  206 15 HOH HOH A . 
E 4 HOH 7  207 13 HOH HOH A . 
E 4 HOH 8  208 11 HOH HOH A . 
E 4 HOH 9  209 30 HOH HOH A . 
E 4 HOH 10 210 9  HOH HOH A . 
E 4 HOH 11 211 1  HOH HOH A . 
E 4 HOH 12 212 4  HOH HOH A . 
E 4 HOH 13 213 14 HOH HOH A . 
E 4 HOH 14 214 16 HOH HOH A . 
E 4 HOH 15 215 28 HOH HOH A . 
E 4 HOH 16 216 18 HOH HOH A . 
E 4 HOH 17 217 29 HOH HOH A . 
E 4 HOH 18 218 23 HOH HOH A . 
E 4 HOH 19 219 12 HOH HOH A . 
E 4 HOH 20 220 3  HOH HOH A . 
E 4 HOH 21 221 10 HOH HOH A . 
E 4 HOH 22 222 26 HOH HOH A . 
E 4 HOH 23 223 31 HOH HOH A . 
E 4 HOH 24 224 5  HOH HOH A . 
E 4 HOH 25 225 27 HOH HOH A . 
E 4 HOH 26 226 21 HOH HOH A . 
E 4 HOH 27 227 2  HOH HOH A . 
E 4 HOH 28 228 6  HOH HOH A . 
E 4 HOH 29 229 17 HOH HOH A . 
E 4 HOH 30 230 20 HOH HOH A . 
E 4 HOH 31 231 19 HOH HOH A . 
# 
_pdbx_struct_assembly.id                   1 
_pdbx_struct_assembly.details              author_and_software_defined_assembly 
_pdbx_struct_assembly.method_details       PISA 
_pdbx_struct_assembly.oligomeric_details   dimeric 
_pdbx_struct_assembly.oligomeric_count     2 
# 
_pdbx_struct_assembly_gen.assembly_id       1 
_pdbx_struct_assembly_gen.oper_expression   1,2 
_pdbx_struct_assembly_gen.asym_id_list      A,B,C,D,E 
# 
loop_
_pdbx_struct_assembly_prop.biol_id 
_pdbx_struct_assembly_prop.type 
_pdbx_struct_assembly_prop.value 
_pdbx_struct_assembly_prop.details 
1 'ABSA (A^2)' 1930 ? 
1 MORE         7    ? 
1 'SSA (A^2)'  6680 ? 
# 
loop_
_pdbx_struct_oper_list.id 
_pdbx_struct_oper_list.type 
_pdbx_struct_oper_list.name 
_pdbx_struct_oper_list.symmetry_operation 
_pdbx_struct_oper_list.matrix[1][1] 
_pdbx_struct_oper_list.matrix[1][2] 
_pdbx_struct_oper_list.matrix[1][3] 
_pdbx_struct_oper_list.vector[1] 
_pdbx_struct_oper_list.matrix[2][1] 
_pdbx_struct_oper_list.matrix[2][2] 
_pdbx_struct_oper_list.matrix[2][3] 
_pdbx_struct_oper_list.vector[2] 
_pdbx_struct_oper_list.matrix[3][1] 
_pdbx_struct_oper_list.matrix[3][2] 
_pdbx_struct_oper_list.matrix[3][3] 
_pdbx_struct_oper_list.vector[3] 
1 'identity operation'         1_555 x,y,z           1.0000000000  0.0000000000  0.0000000000 0.0000000000  0.0000000000  1.0000000000 0.0000000000  0.0000000000 0.0000000000 0.0000000000  1.0000000000  0.0000000000  
2 'crystal symmetry operation' 5_676 x-y+1,-y+2,-z+1 -0.5465218931 -0.6738948704 0.4971715238 -7.3909302476 -0.6738948704 0.0014470146 -0.7388258318 2.6717082438 0.4971715238 -0.7388258318 -0.4549251215 10.3627727888 
# 
loop_
_pdbx_struct_special_symmetry.id 
_pdbx_struct_special_symmetry.PDB_model_num 
_pdbx_struct_special_symmetry.auth_asym_id 
_pdbx_struct_special_symmetry.auth_comp_id 
_pdbx_struct_special_symmetry.auth_seq_id 
_pdbx_struct_special_symmetry.PDB_ins_code 
_pdbx_struct_special_symmetry.label_asym_id 
_pdbx_struct_special_symmetry.label_comp_id 
_pdbx_struct_special_symmetry.label_seq_id 
1 1 A MG  103 ? D MG  . 
2 1 A HOH 209 ? E HOH . 
3 1 A HOH 213 ? E HOH . 
4 1 A HOH 214 ? E HOH . 
5 1 A HOH 228 ? E HOH . 
6 1 A HOH 229 ? E HOH . 
# 
loop_
_pdbx_struct_conn_angle.id 
_pdbx_struct_conn_angle.ptnr1_label_atom_id 
_pdbx_struct_conn_angle.ptnr1_label_alt_id 
_pdbx_struct_conn_angle.ptnr1_label_asym_id 
_pdbx_struct_conn_angle.ptnr1_label_comp_id 
_pdbx_struct_conn_angle.ptnr1_label_seq_id 
_pdbx_struct_conn_angle.ptnr1_auth_atom_id 
_pdbx_struct_conn_angle.ptnr1_auth_asym_id 
_pdbx_struct_conn_angle.ptnr1_auth_comp_id 
_pdbx_struct_conn_angle.ptnr1_auth_seq_id 
_pdbx_struct_conn_angle.ptnr1_PDB_ins_code 
_pdbx_struct_conn_angle.ptnr1_symmetry 
_pdbx_struct_conn_angle.ptnr2_label_atom_id 
_pdbx_struct_conn_angle.ptnr2_label_alt_id 
_pdbx_struct_conn_angle.ptnr2_label_asym_id 
_pdbx_struct_conn_angle.ptnr2_label_comp_id 
_pdbx_struct_conn_angle.ptnr2_label_seq_id 
_pdbx_struct_conn_angle.ptnr2_auth_atom_id 
_pdbx_struct_conn_angle.ptnr2_auth_asym_id 
_pdbx_struct_conn_angle.ptnr2_auth_comp_id 
_pdbx_struct_conn_angle.ptnr2_auth_seq_id 
_pdbx_struct_conn_angle.ptnr2_PDB_ins_code 
_pdbx_struct_conn_angle.ptnr2_symmetry 
_pdbx_struct_conn_angle.ptnr3_label_atom_id 
_pdbx_struct_conn_angle.ptnr3_label_alt_id 
_pdbx_struct_conn_angle.ptnr3_label_asym_id 
_pdbx_struct_conn_angle.ptnr3_label_comp_id 
_pdbx_struct_conn_angle.ptnr3_label_seq_id 
_pdbx_struct_conn_angle.ptnr3_auth_atom_id 
_pdbx_struct_conn_angle.ptnr3_auth_asym_id 
_pdbx_struct_conn_angle.ptnr3_auth_comp_id 
_pdbx_struct_conn_angle.ptnr3_auth_seq_id 
_pdbx_struct_conn_angle.ptnr3_PDB_ins_code 
_pdbx_struct_conn_angle.ptnr3_symmetry 
_pdbx_struct_conn_angle.value 
_pdbx_struct_conn_angle.value_esd 
1 O1P ? A LCC 2 ? A LCC 2   ? 1_555 MG ? D MG . ? A MG 103 ? 1_555 O1P ? A LCC 2 ? A LCC 2   ? 1_555 0.0  ? 
2 O1P ? A LCC 2 ? A LCC 2   ? 1_555 MG ? D MG . ? A MG 103 ? 1_555 O   ? E HOH . ? A HOH 219 ? 1_555 83.2 ? 
3 O1P ? A LCC 2 ? A LCC 2   ? 1_555 MG ? D MG . ? A MG 103 ? 1_555 O   ? E HOH . ? A HOH 219 ? 1_555 83.2 ? 
4 O1P ? A LCC 2 ? A LCC 2   ? 1_555 MG ? D MG . ? A MG 103 ? 1_555 O   ? E HOH . ? A HOH 219 ? 3_575 91.0 ? 
5 O1P ? A LCC 2 ? A LCC 2   ? 1_555 MG ? D MG . ? A MG 103 ? 1_555 O   ? E HOH . ? A HOH 219 ? 3_575 91.0 ? 
6 O   ? E HOH . ? A HOH 219 ? 1_555 MG ? D MG . ? A MG 103 ? 1_555 O   ? E HOH . ? A HOH 219 ? 3_575 88.7 ? 
# 
loop_
_pdbx_audit_revision_history.ordinal 
_pdbx_audit_revision_history.data_content_type 
_pdbx_audit_revision_history.major_revision 
_pdbx_audit_revision_history.minor_revision 
_pdbx_audit_revision_history.revision_date 
1 'Structure model' 1 0 2017-03-08 
2 'Structure model' 1 1 2017-09-20 
3 'Structure model' 1 2 2019-11-27 
4 'Structure model' 1 3 2023-10-04 
# 
_pdbx_audit_revision_details.ordinal             1 
_pdbx_audit_revision_details.revision_ordinal    1 
_pdbx_audit_revision_details.data_content_type   'Structure model' 
_pdbx_audit_revision_details.provider            repository 
_pdbx_audit_revision_details.type                'Initial release' 
_pdbx_audit_revision_details.description         ? 
_pdbx_audit_revision_details.details             ? 
# 
loop_
_pdbx_audit_revision_group.ordinal 
_pdbx_audit_revision_group.revision_ordinal 
_pdbx_audit_revision_group.data_content_type 
_pdbx_audit_revision_group.group 
1 2 'Structure model' 'Author supporting evidence' 
2 3 'Structure model' 'Author supporting evidence' 
3 4 'Structure model' 'Data collection'            
4 4 'Structure model' 'Database references'        
5 4 'Structure model' 'Derived calculations'       
6 4 'Structure model' 'Refinement description'     
# 
loop_
_pdbx_audit_revision_category.ordinal 
_pdbx_audit_revision_category.revision_ordinal 
_pdbx_audit_revision_category.data_content_type 
_pdbx_audit_revision_category.category 
1 2 'Structure model' pdbx_audit_support            
2 3 'Structure model' pdbx_audit_support            
3 4 'Structure model' chem_comp_atom                
4 4 'Structure model' chem_comp_bond                
5 4 'Structure model' database_2                    
6 4 'Structure model' pdbx_initial_refinement_model 
7 4 'Structure model' pdbx_struct_conn_angle        
8 4 'Structure model' struct_conn                   
# 
loop_
_pdbx_audit_revision_item.ordinal 
_pdbx_audit_revision_item.revision_ordinal 
_pdbx_audit_revision_item.data_content_type 
_pdbx_audit_revision_item.item 
1  2 'Structure model' '_pdbx_audit_support.funding_organization'    
2  3 'Structure model' '_pdbx_audit_support.funding_organization'    
3  4 'Structure model' '_database_2.pdbx_DOI'                        
4  4 'Structure model' '_database_2.pdbx_database_accession'         
5  4 'Structure model' '_pdbx_struct_conn_angle.ptnr1_auth_comp_id'  
6  4 'Structure model' '_pdbx_struct_conn_angle.ptnr1_auth_seq_id'   
7  4 'Structure model' '_pdbx_struct_conn_angle.ptnr1_label_asym_id' 
8  4 'Structure model' '_pdbx_struct_conn_angle.ptnr1_label_atom_id' 
9  4 'Structure model' '_pdbx_struct_conn_angle.ptnr1_label_comp_id' 
10 4 'Structure model' '_pdbx_struct_conn_angle.ptnr1_label_seq_id'  
11 4 'Structure model' '_pdbx_struct_conn_angle.ptnr3_auth_comp_id'  
12 4 'Structure model' '_pdbx_struct_conn_angle.ptnr3_auth_seq_id'   
13 4 'Structure model' '_pdbx_struct_conn_angle.ptnr3_label_asym_id' 
14 4 'Structure model' '_pdbx_struct_conn_angle.ptnr3_label_atom_id' 
15 4 'Structure model' '_pdbx_struct_conn_angle.ptnr3_label_comp_id' 
16 4 'Structure model' '_pdbx_struct_conn_angle.ptnr3_label_seq_id'  
17 4 'Structure model' '_pdbx_struct_conn_angle.value'               
18 4 'Structure model' '_struct_conn.conn_type_id'                   
19 4 'Structure model' '_struct_conn.id'                             
20 4 'Structure model' '_struct_conn.pdbx_dist_value'                
21 4 'Structure model' '_struct_conn.pdbx_leaving_atom_flag'         
22 4 'Structure model' '_struct_conn.ptnr1_auth_comp_id'             
23 4 'Structure model' '_struct_conn.ptnr1_auth_seq_id'              
24 4 'Structure model' '_struct_conn.ptnr1_label_asym_id'            
25 4 'Structure model' '_struct_conn.ptnr1_label_atom_id'            
26 4 'Structure model' '_struct_conn.ptnr1_label_comp_id'            
27 4 'Structure model' '_struct_conn.ptnr1_label_seq_id'             
28 4 'Structure model' '_struct_conn.ptnr2_auth_comp_id'             
29 4 'Structure model' '_struct_conn.ptnr2_auth_seq_id'              
30 4 'Structure model' '_struct_conn.ptnr2_label_asym_id'            
31 4 'Structure model' '_struct_conn.ptnr2_label_atom_id'            
32 4 'Structure model' '_struct_conn.ptnr2_label_comp_id'            
33 4 'Structure model' '_struct_conn.ptnr2_label_seq_id'             
34 4 'Structure model' '_struct_conn.ptnr2_symmetry'                 
# 
loop_
_software.citation_id 
_software.classification 
_software.compiler_name 
_software.compiler_version 
_software.contact_author 
_software.contact_author_email 
_software.date 
_software.description 
_software.dependencies 
_software.hardware 
_software.language 
_software.location 
_software.mods 
_software.name 
_software.os 
_software.os_version 
_software.type 
_software.version 
_software.pdbx_ordinal 
? refinement       ? ? ? ? ? ? ? ? ? ? ? REFMAC   ? ? ? 5.8.0135 1 
? 'data reduction' ? ? ? ? ? ? ? ? ? ? ? HKL-2000 ? ? ? .        2 
? 'data scaling'   ? ? ? ? ? ? ? ? ? ? ? HKL-2000 ? ? ? .        3 
? phasing          ? ? ? ? ? ? ? ? ? ? ? PHASER   ? ? ? .        4 
# 
loop_
_pdbx_validate_rmsd_bond.id 
_pdbx_validate_rmsd_bond.PDB_model_num 
_pdbx_validate_rmsd_bond.auth_atom_id_1 
_pdbx_validate_rmsd_bond.auth_asym_id_1 
_pdbx_validate_rmsd_bond.auth_comp_id_1 
_pdbx_validate_rmsd_bond.auth_seq_id_1 
_pdbx_validate_rmsd_bond.PDB_ins_code_1 
_pdbx_validate_rmsd_bond.label_alt_id_1 
_pdbx_validate_rmsd_bond.auth_atom_id_2 
_pdbx_validate_rmsd_bond.auth_asym_id_2 
_pdbx_validate_rmsd_bond.auth_comp_id_2 
_pdbx_validate_rmsd_bond.auth_seq_id_2 
_pdbx_validate_rmsd_bond.PDB_ins_code_2 
_pdbx_validate_rmsd_bond.label_alt_id_2 
_pdbx_validate_rmsd_bond.bond_value 
_pdbx_validate_rmsd_bond.bond_target_value 
_pdbx_validate_rmsd_bond.bond_deviation 
_pdbx_validate_rmsd_bond.bond_standard_deviation 
_pdbx_validate_rmsd_bond.linker_flag 
1 1 "O3'" A LCC 1  ? ? P A LCC 2  ? ? 1.697 1.607 0.090  0.012 Y 
2 1 "O3'" A LCC 2  ? ? P A LCC 3  ? ? 1.693 1.607 0.086  0.012 Y 
3 1 "O3'" A U   12 ? ? P A C   13 ? ? 1.527 1.607 -0.080 0.012 Y 
# 
loop_
_chem_comp_atom.comp_id 
_chem_comp_atom.atom_id 
_chem_comp_atom.type_symbol 
_chem_comp_atom.pdbx_aromatic_flag 
_chem_comp_atom.pdbx_stereo_config 
_chem_comp_atom.pdbx_ordinal 
8OS O1     O  N N 1   
8OS C1     C  N N 2   
8OS N1     N  N N 3   
8OS C2     C  N N 4   
8OS N2     N  N N 5   
8OS N3     N  N N 6   
8OS C3     C  Y N 7   
8OS C4     C  Y N 8   
8OS N4     N  Y N 9   
8OS C5     C  Y N 10  
8OS N5     N  Y N 11  
8OS C6     C  N R 12  
8OS O2     O  N N 13  
8OS C7     C  N R 14  
8OS O3     O  N N 15  
8OS C8     C  N S 16  
8OS O4     O  N N 17  
8OS C9     C  N R 18  
8OS C10    C  N N 19  
8OS O5     O  N N 20  
8OS P1     P  N N 21  
8OS O6     O  N N 22  
8OS O7     O  N N 23  
8OS C11    C  Y N 24  
8OS N6     N  Y N 25  
8OS C12    C  Y N 26  
8OS N7     N  Y N 27  
8OS C13    C  Y N 28  
8OS C14    C  N N 29  
8OS H1     H  N N 30  
8OS H2     H  N N 31  
8OS H3     H  N N 32  
8OS H4     H  N N 33  
8OS H5     H  N N 34  
8OS H6     H  N N 35  
8OS H7     H  N N 36  
8OS H8     H  N N 37  
8OS H9     H  N N 38  
8OS H10    H  N N 39  
8OS H11    H  N N 40  
8OS H12    H  N N 41  
8OS H13    H  N N 42  
8OS H14    H  N N 43  
8OS H15    H  N N 44  
8OS H17    H  N N 45  
8OS H18    H  N N 46  
8OS H19    H  N N 47  
A   OP3    O  N N 48  
A   P      P  N N 49  
A   OP1    O  N N 50  
A   OP2    O  N N 51  
A   "O5'"  O  N N 52  
A   "C5'"  C  N N 53  
A   "C4'"  C  N R 54  
A   "O4'"  O  N N 55  
A   "C3'"  C  N S 56  
A   "O3'"  O  N N 57  
A   "C2'"  C  N R 58  
A   "O2'"  O  N N 59  
A   "C1'"  C  N R 60  
A   N9     N  Y N 61  
A   C8     C  Y N 62  
A   N7     N  Y N 63  
A   C5     C  Y N 64  
A   C6     C  Y N 65  
A   N6     N  N N 66  
A   N1     N  Y N 67  
A   C2     C  Y N 68  
A   N3     N  Y N 69  
A   C4     C  Y N 70  
A   HOP3   H  N N 71  
A   HOP2   H  N N 72  
A   "H5'"  H  N N 73  
A   "H5''" H  N N 74  
A   "H4'"  H  N N 75  
A   "H3'"  H  N N 76  
A   "HO3'" H  N N 77  
A   "H2'"  H  N N 78  
A   "HO2'" H  N N 79  
A   "H1'"  H  N N 80  
A   H8     H  N N 81  
A   H61    H  N N 82  
A   H62    H  N N 83  
A   H2     H  N N 84  
C   OP3    O  N N 85  
C   P      P  N N 86  
C   OP1    O  N N 87  
C   OP2    O  N N 88  
C   "O5'"  O  N N 89  
C   "C5'"  C  N N 90  
C   "C4'"  C  N R 91  
C   "O4'"  O  N N 92  
C   "C3'"  C  N S 93  
C   "O3'"  O  N N 94  
C   "C2'"  C  N R 95  
C   "O2'"  O  N N 96  
C   "C1'"  C  N R 97  
C   N1     N  N N 98  
C   C2     C  N N 99  
C   O2     O  N N 100 
C   N3     N  N N 101 
C   C4     C  N N 102 
C   N4     N  N N 103 
C   C5     C  N N 104 
C   C6     C  N N 105 
C   HOP3   H  N N 106 
C   HOP2   H  N N 107 
C   "H5'"  H  N N 108 
C   "H5''" H  N N 109 
C   "H4'"  H  N N 110 
C   "H3'"  H  N N 111 
C   "HO3'" H  N N 112 
C   "H2'"  H  N N 113 
C   "HO2'" H  N N 114 
C   "H1'"  H  N N 115 
C   H41    H  N N 116 
C   H42    H  N N 117 
C   H5     H  N N 118 
C   H6     H  N N 119 
G   OP3    O  N N 120 
G   P      P  N N 121 
G   OP1    O  N N 122 
G   OP2    O  N N 123 
G   "O5'"  O  N N 124 
G   "C5'"  C  N N 125 
G   "C4'"  C  N R 126 
G   "O4'"  O  N N 127 
G   "C3'"  C  N S 128 
G   "O3'"  O  N N 129 
G   "C2'"  C  N R 130 
G   "O2'"  O  N N 131 
G   "C1'"  C  N R 132 
G   N9     N  Y N 133 
G   C8     C  Y N 134 
G   N7     N  Y N 135 
G   C5     C  Y N 136 
G   C6     C  N N 137 
G   O6     O  N N 138 
G   N1     N  N N 139 
G   C2     C  N N 140 
G   N2     N  N N 141 
G   N3     N  N N 142 
G   C4     C  Y N 143 
G   HOP3   H  N N 144 
G   HOP2   H  N N 145 
G   "H5'"  H  N N 146 
G   "H5''" H  N N 147 
G   "H4'"  H  N N 148 
G   "H3'"  H  N N 149 
G   "HO3'" H  N N 150 
G   "H2'"  H  N N 151 
G   "HO2'" H  N N 152 
G   "H1'"  H  N N 153 
G   H8     H  N N 154 
G   H1     H  N N 155 
G   H21    H  N N 156 
G   H22    H  N N 157 
HOH O      O  N N 158 
HOH H1     H  N N 159 
HOH H2     H  N N 160 
LCC "O5'"  O  N N 161 
LCC "C5'"  C  N N 162 
LCC "C4'"  C  N R 163 
LCC "O4'"  O  N N 164 
LCC "C1'"  C  N R 165 
LCC N1     N  N N 166 
LCC C6     C  N N 167 
LCC C5     C  N N 168 
LCC C5M    C  N N 169 
LCC C4     C  N N 170 
LCC N4     N  N N 171 
LCC N3     N  N N 172 
LCC C2     C  N N 173 
LCC O2     O  N N 174 
LCC "C3'"  C  N S 175 
LCC "C2'"  C  N R 176 
LCC "O2'"  O  N N 177 
LCC "O3'"  O  N N 178 
LCC "C6'"  C  N N 179 
LCC P      P  N N 180 
LCC O1P    O  N N 181 
LCC O2P    O  N N 182 
LCC OXT    O  N N 183 
LCC "H5'1" H  N N 184 
LCC "H5'2" H  N N 185 
LCC "H1'"  H  N N 186 
LCC H6     H  N N 187 
LCC H5M1   H  N N 188 
LCC H5M2   H  N N 189 
LCC H5M3   H  N N 190 
LCC H41    H  N N 191 
LCC H42    H  N N 192 
LCC "H3'"  H  N N 193 
LCC "H2'1" H  N N 194 
LCC H3T    H  N N 195 
LCC "H6'1" H  N N 196 
LCC "H6'2" H  N N 197 
LCC H1P    H  N N 198 
LCC HXT    H  N N 199 
LCG P      P  N N 200 
LCG OP1    O  N N 201 
LCG "O5'"  O  N N 202 
LCG "C5'"  C  N N 203 
LCG "C3'"  C  N S 204 
LCG "C6'"  C  N N 205 
LCG N9     N  Y N 206 
LCG C8     C  Y N 207 
LCG C4     C  Y N 208 
LCG N7     N  Y N 209 
LCG C5     C  Y N 210 
LCG C6     C  N N 211 
LCG "C2'"  C  N R 212 
LCG O6     O  N N 213 
LCG "C4'"  C  N R 214 
LCG "C1'"  C  N R 215 
LCG C2     C  N N 216 
LCG N1     N  N N 217 
LCG "O4'"  O  N N 218 
LCG OP2    O  N N 219 
LCG N2     N  N N 220 
LCG N3     N  N N 221 
LCG "O2'"  O  N N 222 
LCG "O3'"  O  N N 223 
LCG OP3    O  N N 224 
LCG "H5'"  H  N N 225 
LCG "H5''" H  N N 226 
LCG "H3'"  H  N N 227 
LCG "H6'1" H  N N 228 
LCG "H6'2" H  N N 229 
LCG H8     H  N N 230 
LCG "H2'"  H  N N 231 
LCG "H1'"  H  N N 232 
LCG H1     H  N N 233 
LCG HOP2   H  N N 234 
LCG H21    H  N N 235 
LCG H22    H  N N 236 
LCG "HO3'" H  N N 237 
LCG HOP3   H  N N 238 
MG  MG     MG N N 239 
U   OP3    O  N N 240 
U   P      P  N N 241 
U   OP1    O  N N 242 
U   OP2    O  N N 243 
U   "O5'"  O  N N 244 
U   "C5'"  C  N N 245 
U   "C4'"  C  N R 246 
U   "O4'"  O  N N 247 
U   "C3'"  C  N S 248 
U   "O3'"  O  N N 249 
U   "C2'"  C  N R 250 
U   "O2'"  O  N N 251 
U   "C1'"  C  N R 252 
U   N1     N  N N 253 
U   C2     C  N N 254 
U   O2     O  N N 255 
U   N3     N  N N 256 
U   C4     C  N N 257 
U   O4     O  N N 258 
U   C5     C  N N 259 
U   C6     C  N N 260 
U   HOP3   H  N N 261 
U   HOP2   H  N N 262 
U   "H5'"  H  N N 263 
U   "H5''" H  N N 264 
U   "H4'"  H  N N 265 
U   "H3'"  H  N N 266 
U   "HO3'" H  N N 267 
U   "H2'"  H  N N 268 
U   "HO2'" H  N N 269 
U   "H1'"  H  N N 270 
U   H3     H  N N 271 
U   H5     H  N N 272 
U   H6     H  N N 273 
# 
loop_
_chem_comp_bond.comp_id 
_chem_comp_bond.atom_id_1 
_chem_comp_bond.atom_id_2 
_chem_comp_bond.value_order 
_chem_comp_bond.pdbx_aromatic_flag 
_chem_comp_bond.pdbx_stereo_config 
_chem_comp_bond.pdbx_ordinal 
8OS C14   C13    sing N N 1   
8OS O7    P1     doub N N 2   
8OS C13   N7     sing Y N 3   
8OS C13   C11    doub Y N 4   
8OS C10   C9     sing N N 5   
8OS C10   O5     sing N N 6   
8OS N7    C12    doub Y N 7   
8OS O4    C8     sing N N 8   
8OS P1    C11    sing N N 9   
8OS P1    O5     sing N N 10  
8OS P1    O6     sing N N 11  
8OS C11   N6     sing Y N 12  
8OS C9    C8     sing N N 13  
8OS C9    O2     sing N N 14  
8OS C8    C7     sing N N 15  
8OS C12   N6     sing Y N 16  
8OS O2    C6     sing N N 17  
8OS O3    C7     sing N N 18  
8OS C7    C6     sing N N 19  
8OS C6    N5     sing N N 20  
8OS C5    N5     sing Y N 21  
8OS C5    N4     doub Y N 22  
8OS N5    C3     sing Y N 23  
8OS N4    C4     sing Y N 24  
8OS C3    N3     sing N N 25  
8OS C3    C4     doub Y N 26  
8OS N3    C2     doub N N 27  
8OS C4    C1     sing N N 28  
8OS C2    N2     sing N N 29  
8OS C2    N1     sing N N 30  
8OS C1    N1     sing N N 31  
8OS C1    O1     doub N N 32  
8OS N1    H1     sing N N 33  
8OS N2    H2     sing N N 34  
8OS N2    H3     sing N N 35  
8OS C5    H4     sing N N 36  
8OS C6    H5     sing N N 37  
8OS C7    H6     sing N N 38  
8OS O3    H7     sing N N 39  
8OS C8    H8     sing N N 40  
8OS O4    H9     sing N N 41  
8OS C9    H10    sing N N 42  
8OS C10   H11    sing N N 43  
8OS C10   H12    sing N N 44  
8OS O6    H13    sing N N 45  
8OS N6    H14    sing N N 46  
8OS C12   H15    sing N N 47  
8OS C14   H17    sing N N 48  
8OS C14   H18    sing N N 49  
8OS C14   H19    sing N N 50  
A   OP3   P      sing N N 51  
A   OP3   HOP3   sing N N 52  
A   P     OP1    doub N N 53  
A   P     OP2    sing N N 54  
A   P     "O5'"  sing N N 55  
A   OP2   HOP2   sing N N 56  
A   "O5'" "C5'"  sing N N 57  
A   "C5'" "C4'"  sing N N 58  
A   "C5'" "H5'"  sing N N 59  
A   "C5'" "H5''" sing N N 60  
A   "C4'" "O4'"  sing N N 61  
A   "C4'" "C3'"  sing N N 62  
A   "C4'" "H4'"  sing N N 63  
A   "O4'" "C1'"  sing N N 64  
A   "C3'" "O3'"  sing N N 65  
A   "C3'" "C2'"  sing N N 66  
A   "C3'" "H3'"  sing N N 67  
A   "O3'" "HO3'" sing N N 68  
A   "C2'" "O2'"  sing N N 69  
A   "C2'" "C1'"  sing N N 70  
A   "C2'" "H2'"  sing N N 71  
A   "O2'" "HO2'" sing N N 72  
A   "C1'" N9     sing N N 73  
A   "C1'" "H1'"  sing N N 74  
A   N9    C8     sing Y N 75  
A   N9    C4     sing Y N 76  
A   C8    N7     doub Y N 77  
A   C8    H8     sing N N 78  
A   N7    C5     sing Y N 79  
A   C5    C6     sing Y N 80  
A   C5    C4     doub Y N 81  
A   C6    N6     sing N N 82  
A   C6    N1     doub Y N 83  
A   N6    H61    sing N N 84  
A   N6    H62    sing N N 85  
A   N1    C2     sing Y N 86  
A   C2    N3     doub Y N 87  
A   C2    H2     sing N N 88  
A   N3    C4     sing Y N 89  
C   OP3   P      sing N N 90  
C   OP3   HOP3   sing N N 91  
C   P     OP1    doub N N 92  
C   P     OP2    sing N N 93  
C   P     "O5'"  sing N N 94  
C   OP2   HOP2   sing N N 95  
C   "O5'" "C5'"  sing N N 96  
C   "C5'" "C4'"  sing N N 97  
C   "C5'" "H5'"  sing N N 98  
C   "C5'" "H5''" sing N N 99  
C   "C4'" "O4'"  sing N N 100 
C   "C4'" "C3'"  sing N N 101 
C   "C4'" "H4'"  sing N N 102 
C   "O4'" "C1'"  sing N N 103 
C   "C3'" "O3'"  sing N N 104 
C   "C3'" "C2'"  sing N N 105 
C   "C3'" "H3'"  sing N N 106 
C   "O3'" "HO3'" sing N N 107 
C   "C2'" "O2'"  sing N N 108 
C   "C2'" "C1'"  sing N N 109 
C   "C2'" "H2'"  sing N N 110 
C   "O2'" "HO2'" sing N N 111 
C   "C1'" N1     sing N N 112 
C   "C1'" "H1'"  sing N N 113 
C   N1    C2     sing N N 114 
C   N1    C6     sing N N 115 
C   C2    O2     doub N N 116 
C   C2    N3     sing N N 117 
C   N3    C4     doub N N 118 
C   C4    N4     sing N N 119 
C   C4    C5     sing N N 120 
C   N4    H41    sing N N 121 
C   N4    H42    sing N N 122 
C   C5    C6     doub N N 123 
C   C5    H5     sing N N 124 
C   C6    H6     sing N N 125 
G   OP3   P      sing N N 126 
G   OP3   HOP3   sing N N 127 
G   P     OP1    doub N N 128 
G   P     OP2    sing N N 129 
G   P     "O5'"  sing N N 130 
G   OP2   HOP2   sing N N 131 
G   "O5'" "C5'"  sing N N 132 
G   "C5'" "C4'"  sing N N 133 
G   "C5'" "H5'"  sing N N 134 
G   "C5'" "H5''" sing N N 135 
G   "C4'" "O4'"  sing N N 136 
G   "C4'" "C3'"  sing N N 137 
G   "C4'" "H4'"  sing N N 138 
G   "O4'" "C1'"  sing N N 139 
G   "C3'" "O3'"  sing N N 140 
G   "C3'" "C2'"  sing N N 141 
G   "C3'" "H3'"  sing N N 142 
G   "O3'" "HO3'" sing N N 143 
G   "C2'" "O2'"  sing N N 144 
G   "C2'" "C1'"  sing N N 145 
G   "C2'" "H2'"  sing N N 146 
G   "O2'" "HO2'" sing N N 147 
G   "C1'" N9     sing N N 148 
G   "C1'" "H1'"  sing N N 149 
G   N9    C8     sing Y N 150 
G   N9    C4     sing Y N 151 
G   C8    N7     doub Y N 152 
G   C8    H8     sing N N 153 
G   N7    C5     sing Y N 154 
G   C5    C6     sing N N 155 
G   C5    C4     doub Y N 156 
G   C6    O6     doub N N 157 
G   C6    N1     sing N N 158 
G   N1    C2     sing N N 159 
G   N1    H1     sing N N 160 
G   C2    N2     sing N N 161 
G   C2    N3     doub N N 162 
G   N2    H21    sing N N 163 
G   N2    H22    sing N N 164 
G   N3    C4     sing N N 165 
HOH O     H1     sing N N 166 
HOH O     H2     sing N N 167 
LCC "O5'" "C5'"  sing N N 168 
LCC "O5'" P      sing N N 169 
LCC "C5'" "C4'"  sing N N 170 
LCC "C5'" "H5'1" sing N N 171 
LCC "C5'" "H5'2" sing N N 172 
LCC "C4'" "O4'"  sing N N 173 
LCC "C4'" "C3'"  sing N N 174 
LCC "C4'" "C6'"  sing N N 175 
LCC "O4'" "C1'"  sing N N 176 
LCC "C1'" N1     sing N N 177 
LCC "C1'" "C2'"  sing N N 178 
LCC "C1'" "H1'"  sing N N 179 
LCC N1    C6     sing N N 180 
LCC N1    C2     sing N N 181 
LCC C6    C5     doub N N 182 
LCC C6    H6     sing N N 183 
LCC C5    C5M    sing N N 184 
LCC C5    C4     sing N N 185 
LCC C5M   H5M1   sing N N 186 
LCC C5M   H5M2   sing N N 187 
LCC C5M   H5M3   sing N N 188 
LCC C4    N4     sing N N 189 
LCC C4    N3     doub N N 190 
LCC N4    H41    sing N N 191 
LCC N4    H42    sing N N 192 
LCC N3    C2     sing N N 193 
LCC C2    O2     doub N N 194 
LCC "C3'" "C2'"  sing N N 195 
LCC "C3'" "O3'"  sing N N 196 
LCC "C3'" "H3'"  sing N N 197 
LCC "C2'" "O2'"  sing N N 198 
LCC "C2'" "H2'1" sing N N 199 
LCC "O2'" "C6'"  sing N N 200 
LCC "O3'" H3T    sing N N 201 
LCC "C6'" "H6'1" sing N N 202 
LCC "C6'" "H6'2" sing N N 203 
LCC P     O1P    sing N N 204 
LCC P     O2P    doub N N 205 
LCC P     OXT    sing N N 206 
LCC O1P   H1P    sing N N 207 
LCC OXT   HXT    sing N N 208 
LCG P     OP1    doub N N 209 
LCG P     "O5'"  sing N N 210 
LCG P     OP2    sing N N 211 
LCG P     OP3    sing N N 212 
LCG "O5'" "C5'"  sing N N 213 
LCG "C5'" "C4'"  sing N N 214 
LCG "C5'" "H5'"  sing N N 215 
LCG "C5'" "H5''" sing N N 216 
LCG "C3'" "C2'"  sing N N 217 
LCG "C3'" "C4'"  sing N N 218 
LCG "C3'" "O3'"  sing N N 219 
LCG "C3'" "H3'"  sing N N 220 
LCG "C6'" "C4'"  sing N N 221 
LCG "C6'" "O2'"  sing N N 222 
LCG "C6'" "H6'1" sing N N 223 
LCG "C6'" "H6'2" sing N N 224 
LCG N9    C8     sing Y N 225 
LCG N9    C4     sing Y N 226 
LCG N9    "C1'"  sing N N 227 
LCG C8    N7     doub Y N 228 
LCG C8    H8     sing N N 229 
LCG C4    C5     doub Y N 230 
LCG C4    N3     sing N N 231 
LCG N7    C5     sing Y N 232 
LCG C5    C6     sing N N 233 
LCG C6    O6     doub N N 234 
LCG C6    N1     sing N N 235 
LCG "C2'" "C1'"  sing N N 236 
LCG "C2'" "O2'"  sing N N 237 
LCG "C2'" "H2'"  sing N N 238 
LCG "C4'" "O4'"  sing N N 239 
LCG "C1'" "O4'"  sing N N 240 
LCG "C1'" "H1'"  sing N N 241 
LCG C2    N1     sing N N 242 
LCG C2    N2     sing N N 243 
LCG C2    N3     doub N N 244 
LCG N1    H1     sing N N 245 
LCG OP2   HOP2   sing N N 246 
LCG N2    H21    sing N N 247 
LCG N2    H22    sing N N 248 
LCG "O3'" "HO3'" sing N N 249 
LCG OP3   HOP3   sing N N 250 
U   OP3   P      sing N N 251 
U   OP3   HOP3   sing N N 252 
U   P     OP1    doub N N 253 
U   P     OP2    sing N N 254 
U   P     "O5'"  sing N N 255 
U   OP2   HOP2   sing N N 256 
U   "O5'" "C5'"  sing N N 257 
U   "C5'" "C4'"  sing N N 258 
U   "C5'" "H5'"  sing N N 259 
U   "C5'" "H5''" sing N N 260 
U   "C4'" "O4'"  sing N N 261 
U   "C4'" "C3'"  sing N N 262 
U   "C4'" "H4'"  sing N N 263 
U   "O4'" "C1'"  sing N N 264 
U   "C3'" "O3'"  sing N N 265 
U   "C3'" "C2'"  sing N N 266 
U   "C3'" "H3'"  sing N N 267 
U   "O3'" "HO3'" sing N N 268 
U   "C2'" "O2'"  sing N N 269 
U   "C2'" "C1'"  sing N N 270 
U   "C2'" "H2'"  sing N N 271 
U   "O2'" "HO2'" sing N N 272 
U   "C1'" N1     sing N N 273 
U   "C1'" "H1'"  sing N N 274 
U   N1    C2     sing N N 275 
U   N1    C6     sing N N 276 
U   C2    O2     doub N N 277 
U   C2    N3     sing N N 278 
U   N3    C4     sing N N 279 
U   N3    H3     sing N N 280 
U   C4    O4     doub N N 281 
U   C4    C5     sing N N 282 
U   C5    C6     doub N N 283 
U   C5    H5     sing N N 284 
U   C6    H6     sing N N 285 
# 
loop_
_ndb_struct_conf_na.entry_id 
_ndb_struct_conf_na.feature 
5V0K 'a-form double helix'  
5V0K 'mismatched base pair' 
# 
loop_
_ndb_struct_na_base_pair.model_number 
_ndb_struct_na_base_pair.i_label_asym_id 
_ndb_struct_na_base_pair.i_label_comp_id 
_ndb_struct_na_base_pair.i_label_seq_id 
_ndb_struct_na_base_pair.i_symmetry 
_ndb_struct_na_base_pair.j_label_asym_id 
_ndb_struct_na_base_pair.j_label_comp_id 
_ndb_struct_na_base_pair.j_label_seq_id 
_ndb_struct_na_base_pair.j_symmetry 
_ndb_struct_na_base_pair.shear 
_ndb_struct_na_base_pair.stretch 
_ndb_struct_na_base_pair.stagger 
_ndb_struct_na_base_pair.buckle 
_ndb_struct_na_base_pair.propeller 
_ndb_struct_na_base_pair.opening 
_ndb_struct_na_base_pair.pair_number 
_ndb_struct_na_base_pair.pair_name 
_ndb_struct_na_base_pair.i_auth_asym_id 
_ndb_struct_na_base_pair.i_auth_seq_id 
_ndb_struct_na_base_pair.i_PDB_ins_code 
_ndb_struct_na_base_pair.j_auth_asym_id 
_ndb_struct_na_base_pair.j_auth_seq_id 
_ndb_struct_na_base_pair.j_PDB_ins_code 
_ndb_struct_na_base_pair.hbond_type_28 
_ndb_struct_na_base_pair.hbond_type_12 
1 A LCG 4  1_555 A C   13 5_676 -0.264 -0.099 -0.463 -11.574 1.351   -0.867 1  A_LCG4:C13_A A 4  ? A 13 ? 19 1 
1 A A   5  1_555 A U   12 5_676 0.006  -0.076 -0.046 -5.717  -8.716  1.709  2  A_A5:U12_A   A 5  ? A 12 ? 20 1 
1 A C   6  1_555 A G   11 5_676 0.236  -0.144 0.031  -0.414  -12.218 -0.062 3  A_C6:G11_A   A 6  ? A 11 ? 19 1 
1 A U   7  1_555 A A   10 5_676 -0.023 -0.138 0.064  -0.370  -8.258  0.986  4  A_U7:A10_A   A 7  ? A 10 ? 20 1 
1 A U   8  1_555 A A   9  5_676 -0.038 -0.119 0.007  1.870   -12.095 4.316  5  A_U8:A9_A    A 8  ? A 9  ? 20 1 
1 A A   9  1_555 A U   8  5_676 0.038  -0.119 0.007  -1.870  -12.095 4.316  6  A_A9:U8_A    A 9  ? A 8  ? 20 1 
1 A A   10 1_555 A U   7  5_676 0.023  -0.138 0.064  0.370   -8.258  0.986  7  A_A10:U7_A   A 10 ? A 7  ? 20 1 
1 A G   11 1_555 A C   6  5_676 -0.236 -0.144 0.031  0.414   -12.218 -0.062 8  A_G11:C6_A   A 11 ? A 6  ? 19 1 
1 A U   12 1_555 A A   5  5_676 -0.006 -0.076 -0.046 5.717   -8.716  1.709  9  A_U12:A5_A   A 12 ? A 5  ? 20 1 
1 A C   13 1_555 A LCG 4  5_676 0.264  -0.099 -0.463 11.574  1.351   -0.867 10 A_C13:LCG4_A A 13 ? A 4  ? 19 1 
# 
loop_
_ndb_struct_na_base_pair_step.model_number 
_ndb_struct_na_base_pair_step.i_label_asym_id_1 
_ndb_struct_na_base_pair_step.i_label_comp_id_1 
_ndb_struct_na_base_pair_step.i_label_seq_id_1 
_ndb_struct_na_base_pair_step.i_symmetry_1 
_ndb_struct_na_base_pair_step.j_label_asym_id_1 
_ndb_struct_na_base_pair_step.j_label_comp_id_1 
_ndb_struct_na_base_pair_step.j_label_seq_id_1 
_ndb_struct_na_base_pair_step.j_symmetry_1 
_ndb_struct_na_base_pair_step.i_label_asym_id_2 
_ndb_struct_na_base_pair_step.i_label_comp_id_2 
_ndb_struct_na_base_pair_step.i_label_seq_id_2 
_ndb_struct_na_base_pair_step.i_symmetry_2 
_ndb_struct_na_base_pair_step.j_label_asym_id_2 
_ndb_struct_na_base_pair_step.j_label_comp_id_2 
_ndb_struct_na_base_pair_step.j_label_seq_id_2 
_ndb_struct_na_base_pair_step.j_symmetry_2 
_ndb_struct_na_base_pair_step.shift 
_ndb_struct_na_base_pair_step.slide 
_ndb_struct_na_base_pair_step.rise 
_ndb_struct_na_base_pair_step.tilt 
_ndb_struct_na_base_pair_step.roll 
_ndb_struct_na_base_pair_step.twist 
_ndb_struct_na_base_pair_step.x_displacement 
_ndb_struct_na_base_pair_step.y_displacement 
_ndb_struct_na_base_pair_step.helical_rise 
_ndb_struct_na_base_pair_step.inclination 
_ndb_struct_na_base_pair_step.tip 
_ndb_struct_na_base_pair_step.helical_twist 
_ndb_struct_na_base_pair_step.step_number 
_ndb_struct_na_base_pair_step.step_name 
_ndb_struct_na_base_pair_step.i_auth_asym_id_1 
_ndb_struct_na_base_pair_step.i_auth_seq_id_1 
_ndb_struct_na_base_pair_step.i_PDB_ins_code_1 
_ndb_struct_na_base_pair_step.j_auth_asym_id_1 
_ndb_struct_na_base_pair_step.j_auth_seq_id_1 
_ndb_struct_na_base_pair_step.j_PDB_ins_code_1 
_ndb_struct_na_base_pair_step.i_auth_asym_id_2 
_ndb_struct_na_base_pair_step.i_auth_seq_id_2 
_ndb_struct_na_base_pair_step.i_PDB_ins_code_2 
_ndb_struct_na_base_pair_step.j_auth_asym_id_2 
_ndb_struct_na_base_pair_step.j_auth_seq_id_2 
_ndb_struct_na_base_pair_step.j_PDB_ins_code_2 
1 A LCG 4  1_555 A C 13 5_676 A A 5  1_555 A U   12 5_676 -0.142 -2.164 3.266 -4.213 10.228 26.955 -6.291 -0.534 2.304 20.862 
8.594  29.098 1 AA_LCG4A5:U12C13_AA A 4  ? A 13 ? A 5  ? A 12 ? 
1 A A   5  1_555 A U 12 5_676 A C 6  1_555 A G   11 5_676 -0.258 -1.725 3.184 0.185  5.673  30.601 -4.221 0.514  2.824 10.635 
-0.348 31.110 2 AA_A5C6:G11U12_AA   A 5  ? A 12 ? A 6  ? A 11 ? 
1 A C   6  1_555 A G 11 5_676 A U 7  1_555 A A   10 5_676 -0.108 -1.748 3.222 -0.194 10.559 28.335 -5.269 0.173  2.429 20.683 
0.380  30.202 3 AA_C6U7:A10G11_AA   A 6  ? A 11 ? A 7  ? A 10 ? 
1 A U   7  1_555 A A 10 5_676 A U 8  1_555 A A   9  5_676 0.220  -1.533 3.216 0.425  4.067  31.356 -3.533 -0.328 3.001 7.485  
-0.782 31.615 4 AA_U7U8:A9A10_AA    A 7  ? A 10 ? A 8  ? A 9  ? 
1 A U   8  1_555 A A 9  5_676 A A 9  1_555 A U   8  5_676 0.000  -1.455 3.242 0.000  10.809 32.568 -4.039 0.000  2.639 18.644 
0.000  34.269 5 AA_U8A9:U8A9_AA     A 8  ? A 9  ? A 9  ? A 8  ? 
1 A A   9  1_555 A U 8  5_676 A A 10 1_555 A U   7  5_676 -0.220 -1.533 3.216 -0.425 4.067  31.356 -3.533 0.328  3.001 7.485  
0.782  31.615 6 AA_A9A10:U7U8_AA    A 9  ? A 8  ? A 10 ? A 7  ? 
1 A A   10 1_555 A U 7  5_676 A G 11 1_555 A C   6  5_676 0.108  -1.748 3.222 0.194  10.559 28.335 -5.269 -0.173 2.429 20.683 
-0.380 30.202 7 AA_A10G11:C6U7_AA   A 10 ? A 7  ? A 11 ? A 6  ? 
1 A G   11 1_555 A C 6  5_676 A U 12 1_555 A A   5  5_676 0.258  -1.725 3.184 -0.185 5.673  30.601 -4.221 -0.514 2.824 10.635 
0.348  31.110 8 AA_G11U12:A5C6_AA   A 11 ? A 6  ? A 12 ? A 5  ? 
1 A U   12 1_555 A A 5  5_676 A C 13 1_555 A LCG 4  5_676 0.142  -2.164 3.266 4.213  10.228 26.955 -6.291 0.534  2.304 20.862 
-8.594 29.098 9 AA_U12C13:LCG4A5_AA A 12 ? A 5  ? A 13 ? A 4  ? 
# 
_pdbx_audit_support.funding_organization   'National Science Foundation (NSF, United States)' 
_pdbx_audit_support.country                'United States' 
_pdbx_audit_support.grant_number           ? 
_pdbx_audit_support.ordinal                1 
# 
loop_
_pdbx_entity_nonpoly.entity_id 
_pdbx_entity_nonpoly.name 
_pdbx_entity_nonpoly.comp_id 
2 "5'-O-[(S)-hydroxy(4-methyl-1H-imidazol-5-yl)phosphoryl]guanosine" 8OS 
3 'MAGNESIUM ION'                                                    MG  
4 water                                                              HOH 
# 
_pdbx_initial_refinement_model.id               1 
_pdbx_initial_refinement_model.entity_id_list   ? 
_pdbx_initial_refinement_model.type             'experimental model' 
_pdbx_initial_refinement_model.source_name      PDB 
_pdbx_initial_refinement_model.accession_code   5HBX 
_pdbx_initial_refinement_model.details          ? 
# 
_pdbx_struct_assembly_auth_evidence.id                     1 
_pdbx_struct_assembly_auth_evidence.assembly_id            1 
_pdbx_struct_assembly_auth_evidence.experimental_support   none 
_pdbx_struct_assembly_auth_evidence.details                ? 
# 
